data_3BQB
#
_entry.id   3BQB
#
_cell.length_a   157.092
_cell.length_b   157.092
_cell.length_c   131.921
_cell.angle_alpha   90.00
_cell.angle_beta   90.00
_cell.angle_gamma   120.00
#
_symmetry.space_group_name_H-M   'P 61'
#
loop_
_entity.id
_entity.type
_entity.pdbx_description
1 polymer 'Putative uncharacterized protein'
2 non-polymer 'MAGNESIUM ION'
3 water water
#
_entity_poly.entity_id   1
_entity_poly.type   'polypeptide(L)'
_entity_poly.pdbx_seq_one_letter_code
;MKLFRVVKRGYYISYAILDNSTIIRLDEDPIKALMRYSENKEVLGDRVTGIDYQSLLKSFQINDIRITKPIDPPEVWGSG
ISYEMARERYSEENVAKILGKTIYEKVYDAVRPEIFFKATPNRCVGHGEAIAVRSDSEWTLPEPELAVVLDSNGKILGYT
IMDDVSARDLEAENPLYLPQSKIYAGCCAFGPVIVTSDEIKNPYSLDITLKIVREGRVFFEGSVNTNKMRRKIEEQIQYL
IRDNPIPDGTILTTGTAIVPGRDKGLKDEDIVEITISNIGTLITPVKKRRKIT
;
_entity_poly.pdbx_strand_id   A,X,Z,Y
#
loop_
_chem_comp.id
_chem_comp.type
_chem_comp.name
_chem_comp.formula
MG non-polymer 'MAGNESIUM ION' 'Mg 2'
#
# COMPACT_ATOMS: atom_id res chain seq x y z
N MET A 1 11.22 28.41 -6.65
CA MET A 1 9.89 27.73 -6.64
C MET A 1 9.17 28.00 -5.31
N LYS A 2 7.86 28.18 -5.37
CA LYS A 2 7.05 28.37 -4.17
C LYS A 2 5.95 27.31 -4.16
N LEU A 3 5.92 26.55 -3.06
CA LEU A 3 5.22 25.28 -3.04
C LEU A 3 3.98 25.36 -2.15
N PHE A 4 2.82 24.99 -2.69
CA PHE A 4 1.58 24.97 -1.92
C PHE A 4 0.73 23.73 -2.19
N ARG A 5 -0.28 23.54 -1.35
CA ARG A 5 -1.07 22.30 -1.37
C ARG A 5 -2.53 22.57 -1.05
N VAL A 6 -3.42 21.90 -1.76
CA VAL A 6 -4.86 22.01 -1.51
C VAL A 6 -5.44 20.65 -1.15
N VAL A 7 -6.65 20.67 -0.60
CA VAL A 7 -7.44 19.46 -0.41
C VAL A 7 -8.62 19.55 -1.37
N LYS A 8 -8.71 18.56 -2.26
CA LYS A 8 -9.75 18.49 -3.28
C LYS A 8 -10.43 17.13 -3.17
N ARG A 9 -11.72 17.13 -2.81
CA ARG A 9 -12.49 15.89 -2.70
C ARG A 9 -11.79 14.83 -1.87
N GLY A 10 -11.22 15.23 -0.73
CA GLY A 10 -10.61 14.30 0.21
C GLY A 10 -9.14 13.97 -0.01
N TYR A 11 -8.61 14.19 -1.22
CA TYR A 11 -7.20 13.91 -1.50
C TYR A 11 -6.39 15.21 -1.64
N TYR A 12 -5.07 15.07 -1.61
CA TYR A 12 -4.15 16.22 -1.69
C TYR A 12 -3.61 16.40 -3.08
N ILE A 13 -3.38 17.66 -3.46
CA ILE A 13 -2.66 17.99 -4.71
C ILE A 13 -1.68 19.11 -4.42
N SER A 14 -0.41 18.91 -4.78
CA SER A 14 0.64 19.90 -4.55
C SER A 14 0.96 20.65 -5.85
N TYR A 15 1.09 21.97 -5.73
CA TYR A 15 1.40 22.83 -6.88
C TYR A 15 2.62 23.66 -6.60
N ALA A 16 3.41 23.90 -7.64
CA ALA A 16 4.57 24.78 -7.56
C ALA A 16 4.32 25.99 -8.46
N ILE A 17 4.36 27.19 -7.88
CA ILE A 17 4.27 28.41 -8.66
C ILE A 17 5.67 28.99 -8.79
N LEU A 18 6.10 29.21 -10.04
CA LEU A 18 7.41 29.84 -10.30
C LEU A 18 7.23 31.35 -10.40
N ASP A 19 8.31 32.07 -10.11
CA ASP A 19 8.30 33.54 -10.07
C ASP A 19 7.51 34.15 -11.23
N ASN A 20 7.77 33.68 -12.44
CA ASN A 20 7.05 34.15 -13.64
C ASN A 20 5.58 33.71 -13.71
N SER A 21 4.92 33.60 -12.56
CA SER A 21 3.47 33.31 -12.48
C SER A 21 3.06 31.88 -12.86
N THR A 22 3.86 31.21 -13.68
CA THR A 22 3.52 29.89 -14.21
C THR A 22 3.40 28.85 -13.09
N ILE A 23 2.25 28.18 -13.04
CA ILE A 23 1.92 27.21 -12.00
C ILE A 23 2.06 25.80 -12.53
N ILE A 24 2.82 24.97 -11.80
CA ILE A 24 3.08 23.58 -12.17
C ILE A 24 2.46 22.63 -11.16
N ARG A 25 1.71 21.64 -11.65
CA ARG A 25 1.19 20.56 -10.80
C ARG A 25 2.23 19.46 -10.67
N LEU A 26 2.56 19.10 -9.43
CA LEU A 26 3.66 18.18 -9.16
C LEU A 26 3.30 16.72 -9.39
N ASP A 27 4.29 15.94 -9.83
CA ASP A 27 4.12 14.49 -9.97
C ASP A 27 4.49 13.78 -8.67
N GLU A 28 5.43 14.34 -7.93
CA GLU A 28 5.96 13.73 -6.73
C GLU A 28 5.30 14.27 -5.47
N ASP A 29 5.56 13.56 -4.37
CA ASP A 29 5.30 14.06 -3.03
C ASP A 29 6.08 15.36 -2.86
N PRO A 30 5.47 16.38 -2.22
CA PRO A 30 6.16 17.67 -2.10
C PRO A 30 7.49 17.63 -1.34
N ILE A 31 7.58 16.81 -0.29
CA ILE A 31 8.85 16.67 0.45
C ILE A 31 9.95 16.13 -0.48
N LYS A 32 9.63 15.08 -1.23
CA LYS A 32 10.57 14.51 -2.19
C LYS A 32 10.94 15.51 -3.28
N ALA A 33 9.96 16.27 -3.75
CA ALA A 33 10.18 17.30 -4.77
C ALA A 33 11.18 18.35 -4.30
N LEU A 34 11.04 18.78 -3.04
CA LEU A 34 11.95 19.77 -2.44
C LEU A 34 13.39 19.24 -2.34
N MET A 35 13.53 17.93 -2.11
CA MET A 35 14.85 17.31 -2.07
C MET A 35 15.45 17.22 -3.47
N ARG A 36 14.60 16.97 -4.46
CA ARG A 36 15.02 16.99 -5.87
C ARG A 36 15.44 18.38 -6.31
N TYR A 37 14.72 19.40 -5.84
CA TYR A 37 15.03 20.78 -6.21
C TYR A 37 16.32 21.26 -5.56
N SER A 38 16.53 20.83 -4.32
CA SER A 38 17.78 21.05 -3.59
C SER A 38 18.98 20.47 -4.33
N GLU A 39 18.76 19.39 -5.07
CA GLU A 39 19.83 18.71 -5.80
C GLU A 39 20.22 19.48 -7.07
N ASN A 40 19.33 19.52 -8.05
CA ASN A 40 19.63 20.07 -9.37
C ASN A 40 18.58 21.07 -9.89
N LYS A 41 17.66 21.49 -9.01
CA LYS A 41 16.58 22.42 -9.35
C LYS A 41 15.64 21.93 -10.46
N GLU A 42 15.49 20.62 -10.56
CA GLU A 42 14.57 20.01 -11.52
C GLU A 42 13.21 19.77 -10.87
N VAL A 43 12.14 20.02 -11.61
CA VAL A 43 10.79 19.87 -11.10
C VAL A 43 9.97 19.05 -12.08
N LEU A 44 9.50 17.90 -11.64
CA LEU A 44 8.66 17.05 -12.47
C LEU A 44 7.20 17.46 -12.32
N GLY A 45 6.50 17.59 -13.44
CA GLY A 45 5.12 18.04 -13.42
C GLY A 45 4.69 18.66 -14.73
N ASP A 46 3.43 19.10 -14.78
CA ASP A 46 2.89 19.80 -15.92
C ASP A 46 2.44 21.19 -15.52
N ARG A 47 2.65 22.15 -16.40
CA ARG A 47 2.11 23.50 -16.24
C ARG A 47 0.58 23.43 -16.35
N VAL A 48 -0.10 24.17 -15.50
CA VAL A 48 -1.57 24.17 -15.47
C VAL A 48 -2.15 25.58 -15.51
N THR A 49 -3.43 25.66 -15.88
CA THR A 49 -4.17 26.90 -15.89
C THR A 49 -5.47 26.66 -15.14
N GLY A 50 -6.06 27.73 -14.62
CA GLY A 50 -7.32 27.64 -13.90
C GLY A 50 -7.14 27.50 -12.41
N ILE A 51 -5.90 27.35 -11.96
CA ILE A 51 -5.60 27.37 -10.53
C ILE A 51 -5.25 28.80 -10.15
N ASP A 52 -6.24 29.53 -9.63
CA ASP A 52 -6.04 30.91 -9.23
C ASP A 52 -5.36 30.93 -7.86
N TYR A 53 -4.03 31.01 -7.88
CA TYR A 53 -3.25 30.99 -6.65
C TYR A 53 -3.55 32.22 -5.78
N GLN A 54 -3.61 33.39 -6.40
CA GLN A 54 -3.83 34.65 -5.67
C GLN A 54 -5.20 34.70 -4.99
N SER A 55 -6.23 34.15 -5.67
CA SER A 55 -7.57 34.09 -5.08
C SER A 55 -7.65 33.06 -3.95
N LEU A 56 -6.84 32.00 -4.02
CA LEU A 56 -6.80 30.99 -2.98
C LEU A 56 -6.20 31.55 -1.68
N LEU A 57 -5.20 32.43 -1.82
CA LEU A 57 -4.63 33.14 -0.68
C LEU A 57 -5.68 33.99 0.04
N LYS A 58 -6.59 34.59 -0.72
CA LYS A 58 -7.57 35.54 -0.19
C LYS A 58 -8.86 34.86 0.24
N SER A 59 -9.27 33.82 -0.47
CA SER A 59 -10.55 33.16 -0.23
C SER A 59 -10.45 31.86 0.54
N PHE A 60 -9.27 31.27 0.61
CA PHE A 60 -9.03 29.98 1.28
C PHE A 60 -9.62 28.80 0.50
N GLN A 61 -10.94 28.80 0.32
CA GLN A 61 -11.61 27.77 -0.47
C GLN A 61 -12.21 28.40 -1.72
N ILE A 62 -11.71 27.97 -2.89
CA ILE A 62 -12.29 28.35 -4.18
C ILE A 62 -12.94 27.10 -4.79
N ASN A 63 -14.20 27.22 -5.19
CA ASN A 63 -14.96 26.06 -5.67
C ASN A 63 -14.81 24.89 -4.68
N ASP A 64 -14.20 23.79 -5.14
CA ASP A 64 -14.08 22.58 -4.31
C ASP A 64 -12.63 22.28 -3.92
N ILE A 65 -11.72 23.24 -4.15
CA ILE A 65 -10.36 23.13 -3.66
C ILE A 65 -10.15 24.12 -2.52
N ARG A 66 -9.43 23.69 -1.50
CA ARG A 66 -9.17 24.50 -0.32
C ARG A 66 -7.71 24.35 0.07
N ILE A 67 -7.01 25.48 0.12
CA ILE A 67 -5.61 25.50 0.52
C ILE A 67 -5.44 25.05 1.97
N THR A 68 -4.29 24.44 2.24
CA THR A 68 -3.97 23.94 3.59
C THR A 68 -2.45 23.98 3.80
N LYS A 69 -1.94 23.20 4.76
CA LYS A 69 -0.50 23.09 4.99
C LYS A 69 0.21 22.66 3.70
N PRO A 70 1.30 23.34 3.32
CA PRO A 70 1.98 22.95 2.07
C PRO A 70 2.58 21.55 2.09
N ILE A 71 2.98 21.06 3.27
CA ILE A 71 3.39 19.67 3.45
C ILE A 71 2.91 19.14 4.79
N ASP A 72 3.03 17.84 4.99
CA ASP A 72 2.91 17.23 6.31
C ASP A 72 4.32 17.00 6.82
N PRO A 73 4.78 17.85 7.76
CA PRO A 73 6.11 17.64 8.31
C PRO A 73 6.04 16.54 9.36
N PRO A 74 6.86 15.49 9.23
CA PRO A 74 6.77 14.40 10.20
C PRO A 74 7.04 14.87 11.62
N GLU A 75 7.93 15.85 11.75
CA GLU A 75 8.27 16.45 13.03
C GLU A 75 8.42 17.94 12.87
N VAL A 76 8.09 18.69 13.92
CA VAL A 76 8.38 20.12 13.97
C VAL A 76 9.12 20.44 15.25
N TRP A 77 10.29 21.05 15.11
CA TRP A 77 11.07 21.49 16.27
C TRP A 77 11.17 23.00 16.31
N GLY A 78 11.46 23.54 17.49
CA GLY A 78 11.60 24.97 17.67
C GLY A 78 12.94 25.32 18.28
N SER A 79 13.23 26.62 18.35
CA SER A 79 14.46 27.12 18.95
C SER A 79 14.23 28.51 19.53
N GLY A 80 14.19 28.62 20.85
CA GLY A 80 13.86 29.89 21.50
C GLY A 80 15.05 30.82 21.69
N ILE A 81 14.75 32.12 21.84
CA ILE A 81 15.73 33.12 22.24
C ILE A 81 16.92 33.19 21.27
N SER A 82 16.60 33.40 20.00
CA SER A 82 17.60 33.55 18.96
C SER A 82 17.76 35.03 18.58
N TYR A 83 16.88 35.86 19.12
CA TYR A 83 16.92 37.32 18.93
C TYR A 83 17.35 37.98 20.25
N GLU A 84 17.29 39.32 20.28
CA GLU A 84 17.55 40.10 21.50
C GLU A 84 16.56 39.78 22.61
N ASN A 94 8.15 36.18 39.87
CA ASN A 94 8.54 36.37 38.47
C ASN A 94 9.27 35.13 37.93
N VAL A 95 10.04 35.26 36.85
CA VAL A 95 10.63 34.13 36.14
C VAL A 95 11.71 33.34 36.92
N ALA A 96 12.03 32.16 36.41
CA ALA A 96 13.05 31.29 37.00
C ALA A 96 14.46 31.74 36.63
N LYS A 97 15.42 31.42 37.49
CA LYS A 97 16.78 31.93 37.36
C LYS A 97 17.84 31.05 38.01
N ILE A 98 19.01 30.99 37.37
CA ILE A 98 20.16 30.21 37.84
C ILE A 98 21.25 31.18 38.33
N LEU A 99 21.46 31.20 39.64
CA LEU A 99 22.42 32.11 40.28
C LEU A 99 22.06 33.56 39.98
N GLY A 100 20.84 33.96 40.36
CA GLY A 100 20.36 35.33 40.11
C GLY A 100 20.04 35.64 38.66
N LYS A 101 20.85 35.11 37.74
CA LYS A 101 20.71 35.30 36.30
C LYS A 101 19.54 34.46 35.76
N THR A 102 18.72 35.04 34.89
CA THR A 102 17.51 34.38 34.39
C THR A 102 17.86 33.27 33.38
N ILE A 103 17.04 32.20 33.36
CA ILE A 103 17.33 31.02 32.51
C ILE A 103 17.37 31.34 31.02
N TYR A 104 16.60 32.34 30.61
CA TYR A 104 16.49 32.74 29.22
C TYR A 104 17.75 33.42 28.69
N GLU A 105 18.34 34.31 29.47
CA GLU A 105 19.57 34.99 29.06
C GLU A 105 20.80 34.10 29.23
N LYS A 106 20.70 33.08 30.09
CA LYS A 106 21.73 32.03 30.13
C LYS A 106 21.81 31.31 28.80
N VAL A 107 20.65 30.96 28.24
CA VAL A 107 20.57 30.30 26.94
C VAL A 107 21.07 31.23 25.82
N TYR A 108 20.74 32.52 25.94
CA TYR A 108 21.11 33.49 24.92
C TYR A 108 22.63 33.54 24.75
N ASP A 109 23.35 33.58 25.87
CA ASP A 109 24.82 33.65 25.85
C ASP A 109 25.45 32.28 25.54
N ALA A 110 24.93 31.23 26.18
CA ALA A 110 25.53 29.89 26.14
C ALA A 110 25.81 29.39 24.72
N VAL A 111 26.80 28.48 24.60
CA VAL A 111 27.13 27.88 23.32
C VAL A 111 26.03 26.95 22.82
N ARG A 112 25.31 26.33 23.77
CA ARG A 112 24.17 25.47 23.44
C ARG A 112 22.88 26.29 23.44
N PRO A 113 22.17 26.30 22.29
CA PRO A 113 20.90 27.02 22.16
C PRO A 113 19.73 26.21 22.71
N GLU A 114 18.58 26.85 22.86
CA GLU A 114 17.35 26.12 23.17
C GLU A 114 16.85 25.41 21.90
N ILE A 115 16.66 24.10 22.02
CA ILE A 115 16.04 23.28 20.99
C ILE A 115 14.93 22.52 21.69
N PHE A 116 13.72 22.57 21.15
CA PHE A 116 12.59 21.83 21.72
C PHE A 116 11.67 21.25 20.64
N PHE A 117 10.97 20.16 20.99
CA PHE A 117 10.02 19.52 20.09
C PHE A 117 8.72 20.33 20.13
N LYS A 118 8.20 20.66 18.94
CA LYS A 118 7.03 21.55 18.85
C LYS A 118 5.75 20.82 18.42
N ALA A 119 5.80 20.05 17.34
CA ALA A 119 4.57 19.43 16.84
C ALA A 119 4.76 18.18 15.99
N THR A 120 3.69 17.40 15.94
CA THR A 120 3.50 16.35 14.93
C THR A 120 2.62 16.96 13.84
N PRO A 121 2.60 16.36 12.64
CA PRO A 121 1.85 16.97 11.54
C PRO A 121 0.38 17.24 11.88
N ASN A 122 -0.26 16.30 12.56
CA ASN A 122 -1.68 16.43 12.88
C ASN A 122 -2.01 17.52 13.92
N ARG A 123 -0.99 18.01 14.63
CA ARG A 123 -1.17 19.14 15.55
C ARG A 123 -0.97 20.48 14.86
N CYS A 124 -0.44 20.44 13.64
CA CYS A 124 -0.23 21.63 12.83
C CYS A 124 -1.46 21.96 11.98
N VAL A 125 -1.66 23.25 11.73
CA VAL A 125 -2.66 23.73 10.79
C VAL A 125 -2.01 24.66 9.77
N GLY A 126 -2.79 25.10 8.78
CA GLY A 126 -2.29 25.95 7.70
C GLY A 126 -3.15 27.18 7.45
N HIS A 127 -2.90 27.81 6.32
CA HIS A 127 -3.59 29.03 5.90
C HIS A 127 -5.11 28.83 5.89
N GLY A 128 -5.83 29.68 6.62
CA GLY A 128 -7.28 29.61 6.68
C GLY A 128 -7.82 28.71 7.77
N GLU A 129 -6.98 27.86 8.34
CA GLU A 129 -7.41 26.92 9.39
C GLU A 129 -7.11 27.50 10.76
N ALA A 130 -7.89 27.08 11.75
CA ALA A 130 -7.83 27.67 13.09
C ALA A 130 -6.69 27.14 13.95
N ILE A 131 -5.86 28.05 14.45
CA ILE A 131 -4.98 27.76 15.58
C ILE A 131 -5.83 27.78 16.85
N ALA A 132 -5.27 27.30 17.96
CA ALA A 132 -6.03 27.14 19.20
C ALA A 132 -5.39 27.82 20.39
N VAL A 133 -6.23 28.22 21.34
CA VAL A 133 -5.82 28.60 22.69
C VAL A 133 -6.30 27.50 23.63
N ARG A 134 -5.39 26.97 24.45
CA ARG A 134 -5.73 25.90 25.38
C ARG A 134 -6.82 26.35 26.33
N SER A 135 -7.69 25.43 26.72
CA SER A 135 -8.76 25.72 27.67
C SER A 135 -8.25 26.30 29.00
N ASP A 136 -7.05 25.91 29.41
CA ASP A 136 -6.52 26.29 30.72
C ASP A 136 -5.50 27.45 30.65
N SER A 137 -5.43 28.13 29.50
CA SER A 137 -4.50 29.24 29.33
C SER A 137 -5.23 30.58 29.24
N GLU A 138 -4.76 31.54 30.04
CA GLU A 138 -5.31 32.90 30.08
C GLU A 138 -4.40 33.91 29.40
N TRP A 139 -3.29 33.45 28.83
CA TRP A 139 -2.37 34.35 28.13
C TRP A 139 -1.59 33.59 27.05
N THR A 140 -2.26 33.34 25.93
CA THR A 140 -1.63 32.67 24.79
C THR A 140 -1.26 33.71 23.73
N LEU A 141 -0.01 33.65 23.28
CA LEU A 141 0.50 34.59 22.29
C LEU A 141 0.99 33.84 21.06
N PRO A 142 0.76 34.40 19.87
CA PRO A 142 1.35 33.87 18.66
C PRO A 142 2.78 34.34 18.57
N GLU A 143 3.68 33.45 18.16
CA GLU A 143 5.08 33.80 17.98
C GLU A 143 5.40 33.66 16.49
N PRO A 144 5.42 34.78 15.76
CA PRO A 144 5.72 34.75 14.33
C PRO A 144 7.20 34.52 14.09
N GLU A 145 7.52 33.50 13.31
CA GLU A 145 8.90 33.05 13.15
C GLU A 145 9.18 32.61 11.74
N LEU A 146 10.45 32.71 11.34
CA LEU A 146 10.92 32.09 10.12
C LEU A 146 11.12 30.63 10.45
N ALA A 147 10.90 29.76 9.49
CA ALA A 147 11.11 28.32 9.70
C ALA A 147 11.69 27.72 8.44
N VAL A 148 12.53 26.71 8.61
CA VAL A 148 13.17 26.02 7.49
C VAL A 148 12.74 24.55 7.39
N VAL A 149 12.61 24.06 6.17
CA VAL A 149 12.32 22.66 5.93
C VAL A 149 13.64 21.93 5.72
N LEU A 150 13.84 20.85 6.48
CA LEU A 150 15.12 20.14 6.50
C LEU A 150 15.01 18.77 5.87
N ASP A 151 16.12 18.28 5.31
CA ASP A 151 16.26 16.84 5.03
C ASP A 151 16.96 16.18 6.22
N SER A 152 17.10 14.86 6.20
CA SER A 152 17.67 14.13 7.33
C SER A 152 19.15 14.44 7.59
N ASN A 153 19.81 15.07 6.62
CA ASN A 153 21.19 15.55 6.81
C ASN A 153 21.26 16.96 7.39
N GLY A 154 20.11 17.60 7.58
CA GLY A 154 20.07 18.97 8.10
C GLY A 154 20.17 20.06 7.04
N LYS A 155 20.24 19.68 5.77
CA LYS A 155 20.30 20.64 4.68
C LYS A 155 18.96 21.34 4.54
N ILE A 156 19.00 22.67 4.43
CA ILE A 156 17.79 23.47 4.24
C ILE A 156 17.24 23.24 2.83
N LEU A 157 15.97 22.84 2.76
CA LEU A 157 15.28 22.61 1.50
C LEU A 157 14.37 23.79 1.11
N GLY A 158 14.21 24.74 2.02
CA GLY A 158 13.31 25.87 1.77
C GLY A 158 12.86 26.55 3.03
N TYR A 159 12.12 27.65 2.89
CA TYR A 159 11.70 28.49 4.00
C TYR A 159 10.18 28.67 4.01
N THR A 160 9.65 29.07 5.15
CA THR A 160 8.21 29.28 5.30
C THR A 160 7.92 30.11 6.57
N ILE A 161 6.69 30.60 6.67
CA ILE A 161 6.22 31.30 7.87
C ILE A 161 5.72 30.27 8.86
N MET A 162 6.06 30.42 10.13
CA MET A 162 5.49 29.55 11.16
C MET A 162 5.05 30.33 12.38
N ASP A 163 3.87 29.97 12.89
CA ASP A 163 3.34 30.53 14.12
C ASP A 163 3.50 29.49 15.24
N ASP A 164 4.46 29.72 16.13
CA ASP A 164 4.66 28.89 17.31
C ASP A 164 3.71 29.39 18.41
N VAL A 165 2.48 28.89 18.39
CA VAL A 165 1.45 29.36 19.32
C VAL A 165 1.81 28.87 20.72
N SER A 166 2.00 29.81 21.65
CA SER A 166 2.59 29.53 22.96
C SER A 166 1.72 30.00 24.11
N ALA A 167 1.34 29.09 25.00
CA ALA A 167 0.63 29.44 26.23
C ALA A 167 1.63 29.98 27.24
N ARG A 168 1.74 31.30 27.31
CA ARG A 168 2.84 31.96 28.02
C ARG A 168 2.69 31.95 29.54
N ASP A 169 1.45 32.02 30.01
CA ASP A 169 1.20 31.96 31.46
C ASP A 169 1.73 30.66 32.09
N LEU A 170 1.62 29.55 31.34
CA LEU A 170 2.07 28.25 31.82
C LEU A 170 3.60 28.17 31.80
N GLU A 171 4.21 28.64 30.72
CA GLU A 171 5.66 28.72 30.63
C GLU A 171 6.24 29.59 31.76
N ALA A 172 5.52 30.65 32.12
CA ALA A 172 5.96 31.57 33.18
C ALA A 172 5.93 30.89 34.54
N GLU A 173 4.82 30.22 34.86
CA GLU A 173 4.68 29.50 36.14
C GLU A 173 5.84 28.54 36.40
N ASN A 174 6.23 27.81 35.37
CA ASN A 174 7.29 26.84 35.49
C ASN A 174 7.80 26.47 34.09
N PRO A 175 9.12 26.61 33.85
CA PRO A 175 9.65 26.15 32.57
C PRO A 175 9.51 24.63 32.35
N LEU A 176 9.20 23.87 33.40
CA LEU A 176 8.85 22.44 33.25
C LEU A 176 7.45 22.25 32.64
N TYR A 177 6.66 23.33 32.55
CA TYR A 177 5.41 23.31 31.80
C TYR A 177 5.59 23.71 30.33
N LEU A 178 6.82 23.93 29.89
CA LEU A 178 7.06 24.39 28.52
C LEU A 178 6.42 23.48 27.45
N PRO A 179 6.61 22.14 27.55
CA PRO A 179 5.98 21.27 26.55
C PRO A 179 4.46 21.35 26.52
N GLN A 180 3.82 21.50 27.68
CA GLN A 180 2.36 21.72 27.74
C GLN A 180 1.93 23.05 27.09
N SER A 181 2.81 24.04 27.15
CA SER A 181 2.52 25.34 26.55
C SER A 181 2.73 25.37 25.04
N LYS A 182 3.53 24.44 24.53
CA LYS A 182 3.92 24.42 23.12
C LYS A 182 3.21 23.36 22.27
N ILE A 183 2.80 22.25 22.88
CA ILE A 183 2.35 21.06 22.14
C ILE A 183 0.92 20.69 22.49
N TYR A 184 0.00 21.00 21.57
CA TYR A 184 -1.41 20.66 21.73
C TYR A 184 -2.10 20.80 20.37
N ALA A 185 -3.38 20.51 20.31
CA ALA A 185 -4.11 20.60 19.03
C ALA A 185 -4.19 22.04 18.55
N GLY A 186 -3.62 22.31 17.37
CA GLY A 186 -3.67 23.65 16.78
C GLY A 186 -2.68 24.63 17.39
N CYS A 187 -1.59 24.10 17.92
CA CYS A 187 -0.55 24.91 18.56
C CYS A 187 0.47 25.41 17.56
N CYS A 188 0.36 24.98 16.31
CA CYS A 188 1.33 25.30 15.28
C CYS A 188 0.61 25.62 13.97
N ALA A 189 1.11 26.62 13.25
CA ALA A 189 0.56 26.95 11.94
C ALA A 189 1.69 27.36 11.02
N PHE A 190 1.59 27.04 9.74
CA PHE A 190 2.63 27.40 8.78
C PHE A 190 2.12 27.44 7.34
N GLY A 191 2.95 28.01 6.45
CA GLY A 191 2.55 28.25 5.05
C GLY A 191 2.39 29.73 4.78
N PRO A 192 1.57 30.11 3.77
CA PRO A 192 0.77 29.24 2.89
C PRO A 192 1.62 28.49 1.88
N VAL A 193 2.87 28.90 1.73
CA VAL A 193 3.79 28.25 0.82
C VAL A 193 5.07 27.86 1.53
N ILE A 194 5.81 26.96 0.90
CA ILE A 194 7.21 26.73 1.22
C ILE A 194 7.99 27.23 0.01
N VAL A 195 8.86 28.21 0.23
CA VAL A 195 9.68 28.74 -0.85
C VAL A 195 11.00 27.99 -0.86
N THR A 196 11.45 27.59 -2.04
CA THR A 196 12.76 26.93 -2.18
C THR A 196 13.87 27.85 -1.76
N SER A 197 15.06 27.29 -1.55
CA SER A 197 16.18 28.02 -0.97
C SER A 197 16.61 29.21 -1.83
N ASP A 198 16.70 29.00 -3.14
CA ASP A 198 17.10 30.05 -4.07
C ASP A 198 16.14 31.26 -4.15
N GLU A 199 14.92 31.10 -3.63
CA GLU A 199 13.94 32.21 -3.57
C GLU A 199 14.28 33.25 -2.50
N ILE A 200 15.24 32.93 -1.64
CA ILE A 200 15.67 33.86 -0.60
C ILE A 200 17.19 33.95 -0.62
N LYS A 201 17.70 35.10 -1.04
CA LYS A 201 19.15 35.32 -1.15
C LYS A 201 19.78 35.56 0.21
N ASN A 202 19.05 36.25 1.09
CA ASN A 202 19.51 36.43 2.47
C ASN A 202 18.38 36.27 3.47
N PRO A 203 18.43 35.18 4.27
CA PRO A 203 17.39 34.95 5.28
C PRO A 203 17.54 35.89 6.48
N TYR A 204 18.72 36.51 6.62
CA TYR A 204 18.98 37.44 7.71
C TYR A 204 18.65 38.88 7.34
N SER A 205 17.94 39.04 6.22
CA SER A 205 17.39 40.33 5.82
C SER A 205 15.96 40.12 5.32
N LEU A 206 15.03 39.94 6.25
CA LEU A 206 13.62 39.69 5.93
C LEU A 206 12.72 40.35 6.96
N ASP A 207 11.64 40.96 6.49
CA ASP A 207 10.70 41.67 7.36
C ASP A 207 9.59 40.73 7.84
N ILE A 208 9.51 40.54 9.15
CA ILE A 208 8.49 39.70 9.75
C ILE A 208 7.48 40.61 10.45
N THR A 209 6.20 40.45 10.12
CA THR A 209 5.16 41.36 10.62
C THR A 209 3.96 40.59 11.19
N LEU A 210 3.50 41.02 12.36
CA LEU A 210 2.41 40.34 13.07
C LEU A 210 1.23 41.28 13.32
N LYS A 211 0.11 41.02 12.64
CA LYS A 211 -1.15 41.71 12.93
C LYS A 211 -2.12 40.75 13.64
N ILE A 212 -2.81 41.25 14.65
CA ILE A 212 -3.89 40.52 15.30
C ILE A 212 -5.17 41.35 15.16
N VAL A 213 -6.26 40.72 14.75
CA VAL A 213 -7.52 41.42 14.47
C VAL A 213 -8.66 40.98 15.39
N ARG A 214 -9.03 41.85 16.33
CA ARG A 214 -10.18 41.62 17.20
C ARG A 214 -11.30 42.58 16.85
N GLU A 215 -12.52 42.03 16.74
CA GLU A 215 -13.73 42.79 16.41
C GLU A 215 -13.49 43.95 15.44
N GLY A 216 -13.02 43.61 14.24
CA GLY A 216 -12.84 44.58 13.16
C GLY A 216 -11.51 45.30 13.16
N ARG A 217 -10.86 45.38 14.31
CA ARG A 217 -9.73 46.29 14.48
C ARG A 217 -8.41 45.59 14.72
N VAL A 218 -7.34 46.27 14.33
CA VAL A 218 -6.00 45.87 14.66
C VAL A 218 -5.83 46.00 16.18
N PHE A 219 -5.75 44.85 16.85
CA PHE A 219 -5.62 44.79 18.31
C PHE A 219 -4.14 44.79 18.71
N PHE A 220 -3.28 44.33 17.81
CA PHE A 220 -1.82 44.47 17.95
C PHE A 220 -1.17 44.45 16.58
N GLU A 221 -0.16 45.30 16.41
CA GLU A 221 0.69 45.22 15.24
C GLU A 221 2.13 45.36 15.69
N GLY A 222 3.05 44.81 14.91
CA GLY A 222 4.47 44.89 15.24
C GLY A 222 5.29 44.12 14.23
N SER A 223 6.53 44.54 14.02
CA SER A 223 7.42 43.86 13.07
C SER A 223 8.89 43.98 13.47
N VAL A 224 9.76 43.29 12.74
CA VAL A 224 11.18 43.26 13.04
C VAL A 224 11.88 42.48 11.93
N ASN A 225 13.10 42.88 11.60
CA ASN A 225 13.85 42.22 10.54
C ASN A 225 14.71 41.09 11.12
N THR A 226 15.04 40.12 10.26
CA THR A 226 15.85 38.97 10.66
C THR A 226 17.36 39.30 10.78
N ASN A 227 17.72 40.57 10.61
CA ASN A 227 19.06 41.04 10.96
C ASN A 227 19.26 41.19 12.47
N LYS A 228 18.16 41.15 13.22
CA LYS A 228 18.20 41.15 14.69
C LYS A 228 18.45 39.76 15.26
N MET A 229 18.40 38.74 14.40
CA MET A 229 18.66 37.37 14.80
C MET A 229 20.15 37.17 15.04
N ARG A 230 20.49 36.81 16.28
CA ARG A 230 21.89 36.63 16.68
C ARG A 230 22.31 35.17 16.60
N ARG A 231 21.44 34.27 17.04
CA ARG A 231 21.66 32.84 16.91
C ARG A 231 21.48 32.44 15.45
N LYS A 232 22.56 32.00 14.81
CA LYS A 232 22.50 31.63 13.39
C LYS A 232 21.79 30.28 13.20
N ILE A 233 21.10 30.15 12.06
CA ILE A 233 20.26 28.99 11.77
C ILE A 233 21.06 27.70 11.65
N GLU A 234 22.20 27.77 10.94
CA GLU A 234 23.09 26.62 10.77
C GLU A 234 23.49 26.00 12.12
N GLU A 235 23.67 26.84 13.15
CA GLU A 235 23.99 26.35 14.49
C GLU A 235 22.80 25.61 15.10
N GLN A 236 21.60 26.18 14.93
CA GLN A 236 20.37 25.57 15.45
C GLN A 236 20.13 24.19 14.86
N ILE A 237 20.46 24.02 13.58
CA ILE A 237 20.33 22.75 12.88
C ILE A 237 21.36 21.72 13.37
N GLN A 238 22.56 22.21 13.70
CA GLN A 238 23.62 21.34 14.22
C GLN A 238 23.19 20.68 15.53
N TYR A 239 22.61 21.48 16.42
CA TYR A 239 22.16 20.97 17.72
C TYR A 239 20.89 20.14 17.62
N LEU A 240 20.04 20.44 16.64
CA LEU A 240 18.84 19.66 16.39
C LEU A 240 19.18 18.22 16.03
N ILE A 241 20.06 18.05 15.05
CA ILE A 241 20.36 16.72 14.50
C ILE A 241 21.45 15.97 15.25
N ARG A 242 22.01 16.56 16.32
CA ARG A 242 23.09 15.92 17.07
C ARG A 242 22.57 14.67 17.79
N ASP A 243 23.11 13.51 17.39
CA ASP A 243 22.72 12.20 17.93
C ASP A 243 21.21 11.97 17.84
N ASN A 244 20.59 12.66 16.89
CA ASN A 244 19.15 12.83 16.84
C ASN A 244 18.69 12.89 15.39
N PRO A 245 18.48 11.71 14.77
CA PRO A 245 18.08 11.72 13.37
C PRO A 245 16.66 12.26 13.20
N ILE A 246 16.48 13.07 12.16
CA ILE A 246 15.19 13.65 11.84
C ILE A 246 14.82 13.16 10.45
N PRO A 247 13.52 12.93 10.21
CA PRO A 247 13.08 12.51 8.88
C PRO A 247 13.12 13.64 7.85
N ASP A 248 13.06 13.27 6.58
CA ASP A 248 13.00 14.25 5.50
C ASP A 248 11.68 15.02 5.58
N GLY A 249 11.77 16.35 5.48
CA GLY A 249 10.59 17.21 5.56
C GLY A 249 10.33 17.78 6.94
N THR A 250 11.27 17.56 7.86
CA THR A 250 11.19 18.12 9.21
C THR A 250 11.29 19.64 9.14
N ILE A 251 10.50 20.32 9.95
CA ILE A 251 10.55 21.78 10.00
C ILE A 251 11.19 22.25 11.30
N LEU A 252 12.09 23.23 11.18
CA LEU A 252 12.70 23.89 12.33
C LEU A 252 12.34 25.36 12.32
N THR A 253 11.58 25.79 13.32
CA THR A 253 11.25 27.21 13.51
C THR A 253 12.29 27.87 14.42
N THR A 254 12.68 29.10 14.06
CA THR A 254 13.93 29.70 14.55
C THR A 254 13.75 30.82 15.57
N GLY A 255 12.68 30.77 16.35
CA GLY A 255 12.45 31.79 17.38
C GLY A 255 11.78 33.05 16.85
N THR A 256 11.17 33.80 17.75
CA THR A 256 10.47 35.04 17.43
C THR A 256 11.18 36.25 18.02
N ALA A 257 11.05 37.40 17.38
CA ALA A 257 11.49 38.67 17.98
C ALA A 257 10.31 39.50 18.47
N ILE A 258 9.10 39.24 17.94
CA ILE A 258 7.92 40.01 18.28
C ILE A 258 7.16 39.35 19.42
N VAL A 259 6.92 40.11 20.48
CA VAL A 259 6.31 39.61 21.70
C VAL A 259 5.35 40.63 22.28
N PRO A 260 4.04 40.47 22.01
CA PRO A 260 3.03 41.29 22.69
C PRO A 260 3.08 41.18 24.22
N GLY A 261 2.35 42.06 24.91
CA GLY A 261 2.39 42.12 26.37
C GLY A 261 1.36 41.22 27.02
N ARG A 262 1.30 41.27 28.35
CA ARG A 262 0.37 40.46 29.15
C ARG A 262 -1.10 40.67 28.81
N ASP A 263 -1.46 41.89 28.42
CA ASP A 263 -2.84 42.22 28.09
C ASP A 263 -3.29 41.74 26.71
N LYS A 264 -2.33 41.44 25.82
CA LYS A 264 -2.64 41.09 24.43
C LYS A 264 -2.74 39.57 24.18
N GLY A 265 -3.39 38.85 25.10
CA GLY A 265 -3.55 37.41 24.96
C GLY A 265 -4.66 37.08 23.99
N LEU A 266 -4.42 36.13 23.09
CA LEU A 266 -5.42 35.69 22.10
C LEU A 266 -6.71 35.20 22.72
N LYS A 267 -7.81 35.34 21.99
CA LYS A 267 -9.08 34.74 22.39
C LYS A 267 -10.01 34.47 21.20
N ASP A 268 -11.11 33.79 21.50
CA ASP A 268 -12.01 33.26 20.47
C ASP A 268 -12.39 34.31 19.41
N GLU A 269 -12.41 33.87 18.15
CA GLU A 269 -12.77 34.69 16.98
C GLU A 269 -11.69 35.66 16.50
N ASP A 270 -10.52 35.68 17.13
CA ASP A 270 -9.42 36.54 16.67
C ASP A 270 -8.88 36.05 15.32
N ILE A 271 -8.04 36.87 14.70
CA ILE A 271 -7.37 36.49 13.45
C ILE A 271 -5.89 36.84 13.59
N VAL A 272 -5.03 35.94 13.12
CA VAL A 272 -3.59 36.15 13.22
C VAL A 272 -2.98 36.23 11.82
N GLU A 273 -2.47 37.41 11.46
CA GLU A 273 -1.76 37.61 10.20
C GLU A 273 -0.27 37.64 10.48
N ILE A 274 0.51 36.91 9.69
CA ILE A 274 1.97 36.96 9.78
C ILE A 274 2.51 37.08 8.38
N THR A 275 3.40 38.04 8.16
CA THR A 275 3.96 38.30 6.84
C THR A 275 5.47 38.24 6.90
N ILE A 276 6.07 37.62 5.88
CA ILE A 276 7.53 37.57 5.74
C ILE A 276 7.88 37.80 4.28
N SER A 277 8.89 38.64 4.05
CA SER A 277 9.35 39.00 2.70
C SER A 277 9.62 37.76 1.84
N ASN A 278 9.12 37.79 0.60
CA ASN A 278 9.35 36.73 -0.41
C ASN A 278 8.58 35.43 -0.19
N ILE A 279 8.00 35.23 0.99
CA ILE A 279 7.21 34.05 1.29
C ILE A 279 5.73 34.39 1.05
N GLY A 280 5.18 35.27 1.89
CA GLY A 280 3.80 35.70 1.74
C GLY A 280 3.19 36.07 3.07
N THR A 281 1.88 35.83 3.20
CA THR A 281 1.14 36.15 4.40
C THR A 281 0.30 34.96 4.87
N LEU A 282 0.46 34.56 6.14
CA LEU A 282 -0.27 33.45 6.72
C LEU A 282 -1.38 33.99 7.60
N ILE A 283 -2.61 33.50 7.39
CA ILE A 283 -3.79 33.96 8.13
C ILE A 283 -4.45 32.76 8.79
N THR A 284 -4.76 32.87 10.08
CA THR A 284 -5.45 31.80 10.79
C THR A 284 -6.45 32.35 11.79
N PRO A 285 -7.71 31.87 11.74
CA PRO A 285 -8.61 32.19 12.84
C PRO A 285 -8.13 31.58 14.14
N VAL A 286 -8.74 31.98 15.25
CA VAL A 286 -8.33 31.54 16.57
C VAL A 286 -9.51 30.91 17.28
N LYS A 287 -9.34 29.68 17.75
CA LYS A 287 -10.37 28.98 18.48
C LYS A 287 -9.91 28.80 19.94
N LYS A 288 -10.79 29.11 20.87
CA LYS A 288 -10.54 28.89 22.30
C LYS A 288 -11.23 27.59 22.71
N ARG A 289 -10.46 26.68 23.32
CA ARG A 289 -10.98 25.37 23.69
C ARG A 289 -11.85 25.46 24.93
N ARG A 290 -12.91 24.65 24.96
CA ARG A 290 -13.87 24.63 26.07
C ARG A 290 -13.42 23.59 27.11
N LYS A 291 -14.15 23.48 28.21
CA LYS A 291 -13.85 22.48 29.25
C LYS A 291 -15.05 21.53 29.43
N MET B 1 -3.19 -11.44 29.70
CA MET B 1 -2.39 -11.47 28.44
C MET B 1 -1.13 -10.61 28.57
N LYS B 2 -0.02 -11.14 28.07
CA LYS B 2 1.22 -10.37 27.97
C LYS B 2 1.69 -10.37 26.50
N LEU B 3 1.98 -9.18 25.98
CA LEU B 3 2.18 -8.98 24.55
C LEU B 3 3.65 -8.75 24.28
N PHE B 4 4.23 -9.51 23.34
CA PHE B 4 5.60 -9.27 22.92
C PHE B 4 5.72 -9.32 21.39
N ARG B 5 6.86 -8.88 20.88
CA ARG B 5 7.05 -8.76 19.44
C ARG B 5 8.47 -9.12 19.04
N VAL B 6 8.60 -9.78 17.89
CA VAL B 6 9.89 -10.14 17.34
C VAL B 6 10.07 -9.55 15.94
N VAL B 7 11.33 -9.48 15.51
CA VAL B 7 11.66 -9.17 14.13
C VAL B 7 12.23 -10.42 13.48
N LYS B 8 11.82 -10.67 12.24
CA LYS B 8 12.15 -11.90 11.55
C LYS B 8 12.23 -11.61 10.07
N ARG B 9 13.44 -11.61 9.52
CA ARG B 9 13.67 -11.35 8.10
C ARG B 9 13.13 -9.98 7.65
N GLY B 10 13.30 -8.99 8.52
CA GLY B 10 12.87 -7.62 8.22
C GLY B 10 11.40 -7.30 8.44
N TYR B 11 10.59 -8.29 8.81
CA TYR B 11 9.17 -8.04 9.14
C TYR B 11 8.87 -8.40 10.60
N TYR B 12 7.78 -7.84 11.12
CA TYR B 12 7.38 -8.04 12.52
C TYR B 12 6.35 -9.15 12.67
N ILE B 13 6.45 -9.86 13.79
CA ILE B 13 5.38 -10.75 14.24
C ILE B 13 5.10 -10.44 15.71
N SER B 14 3.83 -10.33 16.07
CA SER B 14 3.44 -10.11 17.47
C SER B 14 2.86 -11.41 18.06
N TYR B 15 3.13 -11.64 19.34
CA TYR B 15 2.63 -12.80 20.05
C TYR B 15 2.01 -12.41 21.39
N ALA B 16 1.02 -13.18 21.81
CA ALA B 16 0.30 -12.93 23.06
C ALA B 16 0.34 -14.18 23.94
N ILE B 17 1.19 -14.18 24.95
CA ILE B 17 1.20 -15.29 25.92
C ILE B 17 0.05 -15.12 26.92
N LEU B 18 -0.90 -16.06 26.85
CA LEU B 18 -2.06 -16.09 27.75
C LEU B 18 -1.68 -16.70 29.10
N ASP B 19 -2.60 -16.62 30.06
CA ASP B 19 -2.29 -16.98 31.45
C ASP B 19 -1.97 -18.47 31.64
N ASN B 20 -2.64 -19.33 30.87
CA ASN B 20 -2.32 -20.76 30.86
C ASN B 20 -1.10 -21.09 29.98
N SER B 21 -0.16 -20.15 29.88
CA SER B 21 1.11 -20.30 29.17
C SER B 21 0.97 -20.73 27.70
N THR B 22 -0.21 -20.54 27.12
CA THR B 22 -0.42 -20.80 25.70
C THR B 22 -0.06 -19.51 24.95
N ILE B 23 0.70 -19.67 23.88
CA ILE B 23 1.14 -18.54 23.07
C ILE B 23 0.24 -18.44 21.85
N ILE B 24 -0.30 -17.25 21.63
CA ILE B 24 -1.12 -16.97 20.46
C ILE B 24 -0.40 -16.00 19.55
N ARG B 25 -0.42 -16.27 18.25
CA ARG B 25 0.15 -15.37 17.25
C ARG B 25 -0.94 -14.46 16.73
N LEU B 26 -0.74 -13.15 16.87
CA LEU B 26 -1.76 -12.18 16.52
C LEU B 26 -2.00 -12.10 15.03
N ASP B 27 -3.27 -12.05 14.64
CA ASP B 27 -3.66 -11.73 13.27
C ASP B 27 -3.75 -10.22 13.10
N GLU B 28 -3.86 -9.49 14.22
CA GLU B 28 -4.05 -8.06 14.21
C GLU B 28 -2.79 -7.31 14.58
N ASP B 29 -2.78 -6.03 14.23
CA ASP B 29 -1.80 -5.10 14.74
C ASP B 29 -1.86 -5.15 16.27
N PRO B 30 -0.70 -5.16 16.95
CA PRO B 30 -0.76 -5.34 18.40
C PRO B 30 -1.54 -4.24 19.15
N ILE B 31 -1.44 -2.99 18.68
CA ILE B 31 -2.18 -1.88 19.28
C ILE B 31 -3.68 -2.10 19.11
N LYS B 32 -4.08 -2.54 17.92
CA LYS B 32 -5.47 -2.92 17.63
C LYS B 32 -5.91 -4.06 18.57
N ALA B 33 -5.02 -5.01 18.81
CA ALA B 33 -5.32 -6.15 19.68
C ALA B 33 -5.42 -5.73 21.14
N LEU B 34 -4.61 -4.77 21.56
CA LEU B 34 -4.71 -4.22 22.92
C LEU B 34 -6.07 -3.54 23.15
N MET B 35 -6.55 -2.84 22.13
CA MET B 35 -7.84 -2.17 22.22
C MET B 35 -9.00 -3.17 22.19
N ARG B 36 -8.91 -4.18 21.33
CA ARG B 36 -9.88 -5.25 21.32
C ARG B 36 -9.99 -5.87 22.71
N TYR B 37 -8.85 -6.32 23.22
CA TYR B 37 -8.80 -6.96 24.54
C TYR B 37 -9.38 -6.06 25.62
N SER B 38 -9.04 -4.78 25.58
CA SER B 38 -9.58 -3.79 26.52
C SER B 38 -11.11 -3.75 26.52
N GLU B 39 -11.73 -4.04 25.38
CA GLU B 39 -13.19 -4.03 25.28
C GLU B 39 -13.83 -5.34 25.73
N ASN B 40 -13.30 -6.48 25.30
CA ASN B 40 -13.93 -7.78 25.56
C ASN B 40 -13.00 -8.98 25.83
N LYS B 41 -11.71 -8.70 26.06
CA LYS B 41 -10.70 -9.72 26.39
C LYS B 41 -10.51 -10.82 25.34
N GLU B 42 -10.69 -10.47 24.07
CA GLU B 42 -10.50 -11.42 22.97
C GLU B 42 -9.21 -11.18 22.19
N VAL B 43 -8.61 -12.28 21.72
CA VAL B 43 -7.39 -12.22 20.92
C VAL B 43 -7.60 -13.02 19.65
N LEU B 44 -7.45 -12.37 18.50
CA LEU B 44 -7.58 -13.06 17.21
C LEU B 44 -6.25 -13.69 16.84
N GLY B 45 -6.26 -14.99 16.54
CA GLY B 45 -5.03 -15.69 16.17
C GLY B 45 -5.02 -17.16 16.50
N ASP B 46 -4.01 -17.85 15.96
CA ASP B 46 -3.84 -19.27 16.18
C ASP B 46 -2.89 -19.50 17.34
N ARG B 47 -3.18 -20.54 18.13
CA ARG B 47 -2.27 -21.00 19.16
C ARG B 47 -1.04 -21.57 18.47
N VAL B 48 0.15 -21.18 18.93
CA VAL B 48 1.39 -21.62 18.30
C VAL B 48 2.29 -22.33 19.30
N THR B 49 3.22 -23.11 18.77
CA THR B 49 4.24 -23.78 19.58
C THR B 49 5.59 -23.60 18.88
N GLY B 50 6.67 -23.86 19.61
CA GLY B 50 8.02 -23.63 19.08
C GLY B 50 8.52 -22.20 19.22
N ILE B 51 7.67 -21.30 19.70
CA ILE B 51 8.09 -19.95 20.02
C ILE B 51 8.65 -19.95 21.43
N ASP B 52 9.97 -20.00 21.55
CA ASP B 52 10.63 -20.14 22.83
C ASP B 52 10.76 -18.76 23.51
N TYR B 53 9.65 -18.30 24.09
CA TYR B 53 9.57 -16.98 24.72
C TYR B 53 10.60 -16.80 25.83
N GLN B 54 10.73 -17.79 26.71
CA GLN B 54 11.69 -17.73 27.82
C GLN B 54 13.14 -17.63 27.34
N SER B 55 13.43 -18.22 26.19
CA SER B 55 14.76 -18.11 25.59
C SER B 55 14.98 -16.72 24.98
N LEU B 56 13.94 -16.16 24.38
CA LEU B 56 14.01 -14.78 23.86
C LEU B 56 14.25 -13.76 24.97
N LEU B 57 13.73 -14.03 26.17
CA LEU B 57 13.97 -13.15 27.32
C LEU B 57 15.45 -13.16 27.72
N LYS B 58 16.02 -14.37 27.83
CA LYS B 58 17.41 -14.51 28.31
C LYS B 58 18.44 -14.25 27.21
N SER B 59 18.28 -14.90 26.06
CA SER B 59 19.28 -14.83 25.00
C SER B 59 19.05 -13.70 23.99
N PHE B 60 17.82 -13.18 23.93
CA PHE B 60 17.43 -12.13 22.96
C PHE B 60 17.07 -12.67 21.57
N GLN B 61 17.89 -13.59 21.05
CA GLN B 61 17.70 -14.13 19.69
C GLN B 61 17.74 -15.66 19.66
N ILE B 62 16.97 -16.25 18.73
CA ILE B 62 17.00 -17.68 18.44
C ILE B 62 16.78 -17.90 16.94
N ASN B 63 17.74 -18.54 16.29
CA ASN B 63 17.70 -18.72 14.83
C ASN B 63 17.46 -17.38 14.15
N ASP B 64 16.41 -17.27 13.34
CA ASP B 64 16.17 -16.05 12.57
C ASP B 64 15.17 -15.06 13.21
N ILE B 65 14.79 -15.28 14.48
CA ILE B 65 13.88 -14.35 15.17
C ILE B 65 14.52 -13.69 16.40
N ARG B 66 14.31 -12.39 16.55
CA ARG B 66 14.88 -11.59 17.64
C ARG B 66 13.81 -10.69 18.25
N ILE B 67 13.83 -10.57 19.58
CA ILE B 67 12.85 -9.74 20.29
C ILE B 67 13.18 -8.25 20.11
N THR B 68 12.15 -7.42 20.25
CA THR B 68 12.28 -5.97 20.12
C THR B 68 11.20 -5.26 20.98
N LYS B 69 10.98 -3.98 20.73
CA LYS B 69 9.86 -3.24 21.33
C LYS B 69 8.57 -4.00 21.08
N PRO B 70 7.76 -4.23 22.12
CA PRO B 70 6.49 -4.93 21.90
C PRO B 70 5.52 -4.22 20.92
N ILE B 71 5.61 -2.90 20.83
CA ILE B 71 4.88 -2.14 19.81
C ILE B 71 5.72 -0.97 19.28
N ASP B 72 5.23 -0.33 18.21
CA ASP B 72 5.68 1.00 17.81
C ASP B 72 4.71 2.02 18.41
N PRO B 73 5.11 2.68 19.50
CA PRO B 73 4.23 3.68 20.07
C PRO B 73 4.34 4.95 19.27
N PRO B 74 3.23 5.43 18.67
CA PRO B 74 3.33 6.60 17.80
C PRO B 74 3.88 7.83 18.52
N GLU B 75 3.58 7.95 19.80
CA GLU B 75 4.16 8.99 20.65
C GLU B 75 4.50 8.43 22.02
N VAL B 76 5.53 8.98 22.65
CA VAL B 76 5.88 8.65 24.03
C VAL B 76 6.01 9.94 24.83
N TRP B 77 5.28 10.01 25.93
CA TRP B 77 5.36 11.14 26.86
C TRP B 77 5.79 10.66 28.22
N GLY B 78 6.25 11.59 29.06
CA GLY B 78 6.70 11.28 30.41
C GLY B 78 6.20 12.29 31.42
N SER B 79 6.19 11.90 32.69
CA SER B 79 5.79 12.78 33.77
C SER B 79 6.78 12.67 34.92
N GLY B 80 7.58 13.72 35.13
CA GLY B 80 8.61 13.71 36.17
C GLY B 80 8.09 14.09 37.54
N ILE B 81 8.92 13.86 38.56
CA ILE B 81 8.64 14.30 39.94
C ILE B 81 7.27 13.83 40.43
N SER B 82 7.03 12.53 40.30
CA SER B 82 5.73 11.94 40.63
C SER B 82 5.73 11.16 41.95
N TYR B 83 6.92 10.87 42.48
CA TYR B 83 7.06 10.09 43.71
C TYR B 83 7.26 10.96 44.95
N GLU B 84 7.14 10.33 46.12
CA GLU B 84 7.49 10.92 47.41
C GLU B 84 8.97 11.25 47.49
N MET B 85 9.28 12.45 47.94
CA MET B 85 10.65 12.85 48.26
C MET B 85 10.59 13.97 49.30
N ALA B 86 11.44 13.88 50.33
CA ALA B 86 11.39 14.82 51.45
C ALA B 86 11.93 16.18 51.03
N ARG B 87 11.38 17.26 51.62
CA ARG B 87 11.89 18.61 51.39
C ARG B 87 13.31 18.69 51.92
N GLU B 88 14.28 18.46 51.03
CA GLU B 88 15.69 18.54 51.40
C GLU B 88 16.12 20.01 51.42
N ARG B 89 16.58 20.45 52.58
CA ARG B 89 16.52 21.85 52.97
C ARG B 89 17.60 22.74 52.37
N TYR B 90 18.55 22.14 51.64
CA TYR B 90 19.63 22.90 51.04
C TYR B 90 19.69 22.64 49.55
N SER B 91 18.82 23.35 48.83
CA SER B 91 18.78 23.31 47.37
C SER B 91 20.17 23.61 46.84
N GLU B 92 20.66 22.76 45.96
CA GLU B 92 21.94 22.98 45.33
C GLU B 92 22.01 24.40 44.78
N GLU B 93 23.16 25.04 44.96
CA GLU B 93 23.35 26.44 44.60
C GLU B 93 23.60 26.55 43.09
N ASN B 94 22.63 26.13 42.29
CA ASN B 94 22.81 26.00 40.85
C ASN B 94 21.55 25.61 40.07
N VAL B 95 20.67 24.82 40.71
CA VAL B 95 19.35 24.54 40.13
C VAL B 95 18.57 25.83 39.91
N ALA B 96 17.82 25.89 38.83
CA ALA B 96 16.94 27.02 38.57
C ALA B 96 15.85 27.07 39.64
N LYS B 97 15.50 28.27 40.06
CA LYS B 97 14.48 28.46 41.10
C LYS B 97 13.68 29.74 40.91
N ILE B 98 12.49 29.75 41.51
CA ILE B 98 11.54 30.84 41.37
C ILE B 98 11.12 31.32 42.76
N LEU B 99 11.47 32.57 43.08
CA LEU B 99 11.31 33.13 44.43
C LEU B 99 11.94 32.19 45.48
N GLY B 100 13.14 31.70 45.17
CA GLY B 100 13.91 30.86 46.10
C GLY B 100 13.55 29.38 46.11
N LYS B 101 12.31 29.05 45.77
CA LYS B 101 11.85 27.67 45.74
C LYS B 101 12.21 27.06 44.37
N THR B 102 12.93 25.94 44.38
CA THR B 102 13.42 25.34 43.13
C THR B 102 12.26 24.88 42.23
N ILE B 103 12.48 24.94 40.90
CA ILE B 103 11.44 24.57 39.92
C ILE B 103 10.90 23.17 40.17
N TYR B 104 11.78 22.26 40.59
CA TYR B 104 11.43 20.87 40.80
C TYR B 104 10.52 20.66 42.01
N GLU B 105 10.67 21.50 43.04
CA GLU B 105 9.82 21.39 44.23
C GLU B 105 8.60 22.31 44.14
N LYS B 106 8.57 23.20 43.14
CA LYS B 106 7.33 23.93 42.83
C LYS B 106 6.34 23.01 42.13
N VAL B 107 6.83 22.24 41.16
CA VAL B 107 6.04 21.22 40.47
C VAL B 107 5.46 20.24 41.50
N TYR B 108 6.32 19.81 42.42
CA TYR B 108 5.93 18.88 43.49
C TYR B 108 4.61 19.28 44.18
N ASP B 109 4.46 20.58 44.47
CA ASP B 109 3.27 21.07 45.19
C ASP B 109 2.20 21.68 44.28
N ALA B 110 2.51 21.86 43.00
CA ALA B 110 1.56 22.49 42.07
C ALA B 110 0.40 21.56 41.76
N VAL B 111 -0.74 22.13 41.34
CA VAL B 111 -1.85 21.33 40.83
C VAL B 111 -1.46 20.71 39.48
N ARG B 112 -0.79 21.51 38.64
CA ARG B 112 -0.35 21.04 37.34
C ARG B 112 0.94 20.25 37.50
N PRO B 113 0.96 19.00 36.97
CA PRO B 113 2.16 18.19 36.97
C PRO B 113 3.03 18.43 35.75
N GLU B 114 4.27 17.98 35.80
CA GLU B 114 5.18 18.01 34.66
C GLU B 114 4.78 16.94 33.65
N ILE B 115 4.57 17.36 32.40
CA ILE B 115 4.33 16.45 31.28
C ILE B 115 5.21 16.89 30.13
N PHE B 116 6.02 15.98 29.60
CA PHE B 116 6.95 16.30 28.53
C PHE B 116 6.96 15.24 27.43
N PHE B 117 7.26 15.66 26.20
CA PHE B 117 7.37 14.75 25.08
C PHE B 117 8.72 14.04 25.13
N LYS B 118 8.72 12.72 25.03
CA LYS B 118 9.92 11.91 25.21
C LYS B 118 10.44 11.31 23.91
N ALA B 119 9.57 10.75 23.07
CA ALA B 119 10.04 10.04 21.88
C ALA B 119 9.01 9.73 20.82
N THR B 120 9.53 9.43 19.64
CA THR B 120 8.81 8.80 18.54
C THR B 120 9.21 7.31 18.51
N PRO B 121 8.48 6.47 17.75
CA PRO B 121 8.84 5.05 17.73
C PRO B 121 10.30 4.76 17.32
N ASN B 122 10.77 5.43 16.26
CA ASN B 122 12.13 5.23 15.75
C ASN B 122 13.24 5.69 16.71
N ARG B 123 12.89 6.43 17.77
CA ARG B 123 13.84 6.78 18.82
C ARG B 123 13.82 5.77 19.98
N CYS B 124 12.92 4.80 19.92
CA CYS B 124 12.77 3.80 20.98
C CYS B 124 13.42 2.46 20.63
N VAL B 125 13.96 1.78 21.64
CA VAL B 125 14.53 0.44 21.48
C VAL B 125 13.92 -0.51 22.50
N GLY B 126 14.12 -1.80 22.27
CA GLY B 126 13.49 -2.83 23.11
C GLY B 126 14.48 -3.70 23.87
N HIS B 127 13.96 -4.78 24.43
CA HIS B 127 14.75 -5.75 25.19
C HIS B 127 15.90 -6.29 24.33
N GLY B 128 17.12 -6.19 24.85
CA GLY B 128 18.30 -6.66 24.12
C GLY B 128 18.89 -5.68 23.11
N GLU B 129 18.22 -4.56 22.88
CA GLU B 129 18.71 -3.53 21.97
C GLU B 129 19.37 -2.39 22.77
N ALA B 130 20.31 -1.70 22.13
CA ALA B 130 21.15 -0.72 22.83
C ALA B 130 20.48 0.63 23.01
N ILE B 131 20.44 1.11 24.26
CA ILE B 131 20.16 2.51 24.54
C ILE B 131 21.45 3.30 24.37
N ALA B 132 21.34 4.62 24.24
CA ALA B 132 22.49 5.45 23.93
C ALA B 132 22.75 6.51 24.98
N VAL B 133 24.02 6.85 25.16
CA VAL B 133 24.42 8.08 25.83
C VAL B 133 24.80 9.05 24.73
N ARG B 134 24.31 10.29 24.82
CA ARG B 134 24.63 11.31 23.83
C ARG B 134 26.14 11.55 23.81
N SER B 135 26.65 11.94 22.64
CA SER B 135 28.08 12.21 22.48
C SER B 135 28.58 13.36 23.34
N ASP B 136 27.67 14.25 23.76
CA ASP B 136 28.03 15.44 24.54
C ASP B 136 27.48 15.41 25.98
N SER B 137 27.29 14.22 26.54
CA SER B 137 26.88 14.09 27.93
C SER B 137 27.92 13.31 28.72
N GLU B 138 28.25 13.83 29.90
CA GLU B 138 29.17 13.16 30.83
C GLU B 138 28.44 12.70 32.12
N TRP B 139 27.11 12.75 32.10
CA TRP B 139 26.31 12.23 33.22
C TRP B 139 24.88 11.88 32.77
N THR B 140 24.78 10.75 32.08
CA THR B 140 23.50 10.20 31.63
C THR B 140 23.08 9.07 32.56
N LEU B 141 21.85 9.15 33.06
CA LEU B 141 21.32 8.14 33.96
C LEU B 141 20.09 7.48 33.38
N PRO B 142 19.93 6.16 33.58
CA PRO B 142 18.65 5.53 33.25
C PRO B 142 17.66 5.88 34.34
N GLU B 143 16.40 6.07 33.96
CA GLU B 143 15.33 6.31 34.91
C GLU B 143 14.30 5.21 34.75
N PRO B 144 14.28 4.25 35.69
CA PRO B 144 13.34 3.14 35.63
C PRO B 144 11.93 3.56 36.02
N GLU B 145 10.97 3.35 35.13
CA GLU B 145 9.62 3.81 35.36
C GLU B 145 8.58 2.79 34.91
N LEU B 146 7.43 2.79 35.59
CA LEU B 146 6.26 2.12 35.09
C LEU B 146 5.67 2.99 33.98
N ALA B 147 5.32 2.38 32.86
CA ALA B 147 4.67 3.08 31.75
C ALA B 147 3.34 2.43 31.42
N VAL B 148 2.40 3.24 30.94
CA VAL B 148 1.08 2.75 30.53
C VAL B 148 0.88 2.98 29.04
N VAL B 149 0.21 2.03 28.39
CA VAL B 149 -0.18 2.17 26.99
C VAL B 149 -1.61 2.71 26.95
N LEU B 150 -1.81 3.78 26.18
CA LEU B 150 -3.05 4.53 26.16
C LEU B 150 -3.75 4.43 24.82
N ASP B 151 -5.08 4.50 24.83
CA ASP B 151 -5.85 4.79 23.63
C ASP B 151 -6.03 6.32 23.52
N SER B 152 -6.71 6.79 22.48
CA SER B 152 -6.88 8.24 22.30
C SER B 152 -7.73 8.90 23.37
N ASN B 153 -8.58 8.12 24.04
CA ASN B 153 -9.42 8.62 25.15
C ASN B 153 -8.72 8.65 26.51
N GLY B 154 -7.46 8.18 26.55
CA GLY B 154 -6.69 8.12 27.81
C GLY B 154 -6.90 6.86 28.60
N LYS B 155 -7.66 5.90 28.07
CA LYS B 155 -7.90 4.63 28.74
C LYS B 155 -6.62 3.78 28.75
N ILE B 156 -6.33 3.15 29.88
CA ILE B 156 -5.12 2.32 30.01
C ILE B 156 -5.34 0.96 29.33
N LEU B 157 -4.59 0.73 28.26
CA LEU B 157 -4.66 -0.54 27.52
C LEU B 157 -3.74 -1.61 28.11
N GLY B 158 -2.75 -1.18 28.90
CA GLY B 158 -1.81 -2.09 29.52
C GLY B 158 -0.60 -1.38 30.12
N TYR B 159 0.30 -2.16 30.73
CA TYR B 159 1.48 -1.62 31.38
C TYR B 159 2.72 -2.25 30.79
N THR B 160 3.85 -1.56 30.93
CA THR B 160 5.16 -2.09 30.54
C THR B 160 6.27 -1.42 31.34
N ILE B 161 7.49 -1.90 31.17
CA ILE B 161 8.66 -1.28 31.80
C ILE B 161 9.23 -0.27 30.82
N MET B 162 9.59 0.92 31.30
CA MET B 162 10.23 1.92 30.46
C MET B 162 11.47 2.51 31.13
N ASP B 163 12.52 2.65 30.32
CA ASP B 163 13.74 3.34 30.72
C ASP B 163 13.75 4.70 30.04
N ASP B 164 13.63 5.75 30.85
CA ASP B 164 13.67 7.13 30.38
C ASP B 164 15.11 7.62 30.53
N VAL B 165 15.92 7.35 29.51
CA VAL B 165 17.35 7.66 29.55
C VAL B 165 17.54 9.17 29.48
N SER B 166 18.23 9.73 30.49
CA SER B 166 18.28 11.18 30.70
C SER B 166 19.71 11.71 30.81
N ALA B 167 20.09 12.60 29.90
CA ALA B 167 21.36 13.33 30.02
C ALA B 167 21.20 14.43 31.06
N ARG B 168 21.37 14.04 32.32
CA ARG B 168 21.04 14.88 33.47
C ARG B 168 21.90 16.13 33.60
N ASP B 169 23.13 16.06 33.10
CA ASP B 169 24.04 17.22 33.11
C ASP B 169 23.48 18.35 32.25
N LEU B 170 22.96 18.04 31.08
CA LEU B 170 22.32 19.04 30.23
C LEU B 170 21.09 19.67 30.89
N GLU B 171 20.28 18.86 31.56
CA GLU B 171 19.13 19.36 32.33
C GLU B 171 19.57 20.25 33.49
N ALA B 172 20.72 19.93 34.09
CA ALA B 172 21.26 20.72 35.19
C ALA B 172 21.74 22.09 34.72
N GLU B 173 22.49 22.12 33.63
CA GLU B 173 22.94 23.38 33.02
C GLU B 173 21.79 24.39 32.83
N ASN B 174 20.68 23.90 32.28
CA ASN B 174 19.51 24.73 32.00
C ASN B 174 18.27 23.86 31.80
N PRO B 175 17.16 24.16 32.50
CA PRO B 175 15.94 23.40 32.23
C PRO B 175 15.46 23.49 30.78
N LEU B 176 15.90 24.51 30.04
CA LEU B 176 15.52 24.65 28.62
C LEU B 176 16.25 23.66 27.72
N TYR B 177 17.26 22.98 28.24
CA TYR B 177 17.90 21.87 27.53
C TYR B 177 17.21 20.52 27.77
N LEU B 178 16.15 20.51 28.58
CA LEU B 178 15.41 19.28 28.89
C LEU B 178 15.09 18.44 27.64
N PRO B 179 14.52 19.08 26.59
CA PRO B 179 14.23 18.32 25.37
C PRO B 179 15.45 17.65 24.74
N GLN B 180 16.59 18.34 24.72
CA GLN B 180 17.83 17.77 24.21
C GLN B 180 18.33 16.61 25.08
N SER B 181 18.07 16.69 26.38
CA SER B 181 18.48 15.64 27.33
C SER B 181 17.60 14.38 27.23
N LYS B 182 16.33 14.56 26.89
CA LYS B 182 15.36 13.46 26.86
C LYS B 182 15.16 12.83 25.47
N ILE B 183 15.36 13.61 24.41
CA ILE B 183 14.93 13.21 23.07
C ILE B 183 16.10 13.04 22.08
N TYR B 184 16.45 11.79 21.80
CA TYR B 184 17.51 11.46 20.84
C TYR B 184 17.47 9.97 20.47
N ALA B 185 18.27 9.57 19.49
CA ALA B 185 18.34 8.17 19.07
C ALA B 185 18.73 7.27 20.23
N GLY B 186 17.87 6.29 20.54
CA GLY B 186 18.13 5.36 21.63
C GLY B 186 17.96 5.94 23.03
N CYS B 187 17.16 6.99 23.14
CA CYS B 187 16.93 7.68 24.42
C CYS B 187 15.84 7.04 25.29
N CYS B 188 15.25 5.95 24.80
CA CYS B 188 14.08 5.35 25.42
C CYS B 188 14.03 3.85 25.14
N ALA B 189 13.63 3.08 26.13
CA ALA B 189 13.55 1.63 25.98
C ALA B 189 12.42 1.05 26.81
N PHE B 190 11.63 0.17 26.20
CA PHE B 190 10.53 -0.49 26.91
C PHE B 190 10.31 -1.92 26.45
N GLY B 191 9.47 -2.62 27.20
CA GLY B 191 9.28 -4.06 27.08
C GLY B 191 9.67 -4.72 28.40
N PRO B 192 10.05 -6.00 28.36
CA PRO B 192 10.08 -6.88 27.19
C PRO B 192 8.68 -7.19 26.67
N VAL B 193 7.67 -7.01 27.51
CA VAL B 193 6.28 -7.22 27.13
C VAL B 193 5.41 -6.04 27.54
N ILE B 194 4.22 -5.99 26.95
CA ILE B 194 3.15 -5.13 27.44
C ILE B 194 2.13 -6.06 28.07
N VAL B 195 1.93 -5.94 29.37
CA VAL B 195 0.93 -6.77 30.04
C VAL B 195 -0.40 -6.02 30.06
N THR B 196 -1.48 -6.74 29.78
CA THR B 196 -2.81 -6.14 29.75
C THR B 196 -3.22 -5.70 31.15
N SER B 197 -4.17 -4.76 31.19
CA SER B 197 -4.57 -4.14 32.44
C SER B 197 -4.91 -5.15 33.55
N ASP B 198 -5.70 -6.16 33.19
CA ASP B 198 -6.11 -7.19 34.16
C ASP B 198 -4.97 -8.01 34.77
N GLU B 199 -3.77 -7.92 34.20
CA GLU B 199 -2.59 -8.60 34.77
C GLU B 199 -2.03 -7.89 36.00
N ILE B 200 -2.50 -6.67 36.27
CA ILE B 200 -2.03 -5.89 37.41
C ILE B 200 -3.23 -5.33 38.18
N LYS B 201 -3.51 -5.96 39.32
CA LYS B 201 -4.67 -5.63 40.14
C LYS B 201 -4.49 -4.26 40.80
N ASN B 202 -3.30 -4.03 41.34
CA ASN B 202 -2.93 -2.74 41.90
C ASN B 202 -1.62 -2.21 41.29
N PRO B 203 -1.72 -1.24 40.37
CA PRO B 203 -0.51 -0.65 39.80
C PRO B 203 0.35 0.11 40.81
N TYR B 204 -0.25 0.49 41.94
CA TYR B 204 0.49 1.20 43.01
C TYR B 204 1.06 0.24 44.06
N SER B 205 1.40 -0.97 43.64
CA SER B 205 1.90 -1.98 44.55
C SER B 205 2.94 -2.88 43.88
N LEU B 206 3.79 -2.26 43.05
CA LEU B 206 4.76 -2.99 42.25
C LEU B 206 6.16 -2.58 42.64
N ASP B 207 7.07 -3.56 42.66
CA ASP B 207 8.47 -3.28 42.94
C ASP B 207 9.22 -2.97 41.65
N ILE B 208 9.86 -1.81 41.61
CA ILE B 208 10.72 -1.45 40.50
C ILE B 208 12.15 -1.59 41.01
N THR B 209 13.00 -2.26 40.24
CA THR B 209 14.39 -2.47 40.63
C THR B 209 15.32 -2.16 39.47
N LEU B 210 16.38 -1.39 39.74
CA LEU B 210 17.36 -1.02 38.72
C LEU B 210 18.72 -1.61 39.04
N LYS B 211 19.38 -2.18 38.03
CA LYS B 211 20.74 -2.70 38.16
C LYS B 211 21.58 -2.19 36.99
N ILE B 212 22.71 -1.56 37.29
CA ILE B 212 23.69 -1.23 36.26
C ILE B 212 24.90 -2.15 36.44
N VAL B 213 25.27 -2.87 35.38
CA VAL B 213 26.33 -3.85 35.43
C VAL B 213 27.50 -3.43 34.55
N ARG B 214 28.70 -3.39 35.12
CA ARG B 214 29.92 -3.01 34.40
C ARG B 214 30.98 -4.10 34.49
N GLU B 215 31.21 -4.79 33.37
CA GLU B 215 32.18 -5.89 33.26
C GLU B 215 31.88 -7.04 34.22
N GLY B 216 30.61 -7.45 34.28
CA GLY B 216 30.18 -8.53 35.17
C GLY B 216 29.90 -8.06 36.59
N ARG B 217 30.69 -7.08 37.05
CA ARG B 217 30.54 -6.49 38.36
C ARG B 217 29.31 -5.55 38.40
N VAL B 218 28.51 -5.68 39.45
CA VAL B 218 27.29 -4.87 39.65
C VAL B 218 27.67 -3.46 40.08
N PHE B 219 27.56 -2.50 39.16
CA PHE B 219 28.01 -1.13 39.41
C PHE B 219 27.07 -0.32 40.29
N PHE B 220 25.76 -0.46 40.06
CA PHE B 220 24.75 0.19 40.91
C PHE B 220 23.57 -0.76 41.10
N GLU B 221 22.88 -0.60 42.22
CA GLU B 221 21.56 -1.22 42.42
C GLU B 221 20.69 -0.41 43.37
N GLY B 222 19.40 -0.42 43.11
CA GLY B 222 18.41 0.23 43.97
C GLY B 222 17.02 -0.22 43.58
N SER B 223 16.06 0.01 44.46
CA SER B 223 14.68 -0.35 44.17
C SER B 223 13.69 0.60 44.86
N VAL B 224 12.42 0.48 44.48
CA VAL B 224 11.36 1.30 45.06
C VAL B 224 10.00 0.69 44.70
N ASN B 225 9.02 0.85 45.58
CA ASN B 225 7.66 0.39 45.31
C ASN B 225 6.80 1.54 44.83
N THR B 226 5.84 1.23 43.97
CA THR B 226 4.96 2.25 43.39
C THR B 226 3.89 2.75 44.37
N ASN B 227 3.81 2.16 45.56
CA ASN B 227 3.02 2.74 46.66
C ASN B 227 3.62 4.07 47.14
N LYS B 228 4.86 4.35 46.74
CA LYS B 228 5.52 5.63 46.99
C LYS B 228 5.16 6.72 45.99
N MET B 229 4.40 6.37 44.95
CA MET B 229 4.01 7.35 43.92
C MET B 229 2.93 8.29 44.47
N ARG B 230 3.13 9.59 44.32
CA ARG B 230 2.18 10.60 44.81
C ARG B 230 1.30 11.14 43.70
N ARG B 231 1.94 11.54 42.62
CA ARG B 231 1.24 12.04 41.45
C ARG B 231 0.59 10.86 40.73
N LYS B 232 -0.67 10.58 41.04
CA LYS B 232 -1.35 9.39 40.54
C LYS B 232 -1.54 9.40 39.01
N ILE B 233 -1.57 8.21 38.41
CA ILE B 233 -1.53 8.03 36.96
C ILE B 233 -2.75 8.64 36.25
N GLU B 234 -3.92 8.50 36.85
CA GLU B 234 -5.15 9.12 36.32
C GLU B 234 -4.98 10.64 36.12
N GLU B 235 -4.33 11.30 37.07
CA GLU B 235 -4.05 12.72 36.96
C GLU B 235 -3.05 13.00 35.83
N GLN B 236 -1.98 12.21 35.77
CA GLN B 236 -0.97 12.35 34.71
C GLN B 236 -1.61 12.29 33.32
N ILE B 237 -2.54 11.34 33.13
CA ILE B 237 -3.25 11.18 31.86
C ILE B 237 -4.17 12.37 31.59
N GLN B 238 -4.90 12.81 32.61
CA GLN B 238 -5.81 13.95 32.48
C GLN B 238 -5.09 15.17 31.89
N TYR B 239 -3.91 15.48 32.42
CA TYR B 239 -3.12 16.61 31.92
C TYR B 239 -2.47 16.33 30.58
N LEU B 240 -2.13 15.07 30.31
CA LEU B 240 -1.55 14.69 29.02
C LEU B 240 -2.50 14.98 27.86
N ILE B 241 -3.76 14.60 28.02
CA ILE B 241 -4.70 14.62 26.91
C ILE B 241 -5.50 15.90 26.79
N ARG B 242 -5.42 16.76 27.82
CA ARG B 242 -6.13 18.05 27.82
C ARG B 242 -5.75 18.90 26.61
N ASP B 243 -6.74 19.14 25.73
CA ASP B 243 -6.54 19.91 24.48
C ASP B 243 -5.44 19.33 23.60
N ASN B 244 -5.07 18.08 23.87
CA ASN B 244 -3.89 17.46 23.26
C ASN B 244 -4.24 16.03 22.87
N PRO B 245 -4.74 15.83 21.64
CA PRO B 245 -5.22 14.52 21.26
C PRO B 245 -4.03 13.61 21.03
N ILE B 246 -4.11 12.39 21.55
CA ILE B 246 -3.03 11.43 21.42
C ILE B 246 -3.50 10.26 20.56
N PRO B 247 -2.58 9.67 19.78
CA PRO B 247 -2.91 8.48 19.01
C PRO B 247 -3.03 7.21 19.88
N ASP B 248 -3.79 6.23 19.37
CA ASP B 248 -3.88 4.92 20.01
C ASP B 248 -2.50 4.26 20.04
N GLY B 249 -2.16 3.67 21.19
CA GLY B 249 -0.84 3.06 21.39
C GLY B 249 0.23 4.00 21.92
N THR B 250 -0.16 5.24 22.24
CA THR B 250 0.72 6.18 22.93
C THR B 250 1.10 5.60 24.28
N ILE B 251 2.35 5.82 24.68
CA ILE B 251 2.83 5.35 25.96
C ILE B 251 3.13 6.53 26.86
N LEU B 252 2.62 6.49 28.10
CA LEU B 252 2.97 7.49 29.09
C LEU B 252 3.81 6.86 30.18
N THR B 253 5.08 7.26 30.27
CA THR B 253 5.98 6.80 31.33
C THR B 253 5.79 7.72 32.56
N THR B 254 5.58 7.10 33.71
CA THR B 254 4.96 7.78 34.85
C THR B 254 5.92 8.34 35.91
N GLY B 255 7.22 8.38 35.59
CA GLY B 255 8.22 8.97 36.47
C GLY B 255 9.07 7.94 37.19
N THR B 256 10.22 8.36 37.69
CA THR B 256 11.15 7.47 38.39
C THR B 256 11.34 7.89 39.85
N ALA B 257 11.79 6.93 40.67
CA ALA B 257 12.18 7.18 42.06
C ALA B 257 13.62 6.73 42.36
N ILE B 258 14.22 5.97 41.45
CA ILE B 258 15.56 5.43 41.65
C ILE B 258 16.54 6.32 40.88
N VAL B 259 17.34 7.08 41.62
CA VAL B 259 18.26 8.06 41.06
C VAL B 259 19.69 7.80 41.52
N PRO B 260 20.48 7.11 40.68
CA PRO B 260 21.92 6.94 40.94
C PRO B 260 22.68 8.25 41.17
N GLY B 261 23.83 8.16 41.81
CA GLY B 261 24.61 9.33 42.19
C GLY B 261 25.39 9.94 41.04
N ARG B 262 25.98 11.10 41.31
CA ARG B 262 26.78 11.83 40.32
C ARG B 262 27.94 11.00 39.76
N ASP B 263 28.52 10.14 40.59
CA ASP B 263 29.61 9.26 40.15
C ASP B 263 29.13 8.03 39.34
N LYS B 264 27.82 7.78 39.32
CA LYS B 264 27.25 6.58 38.67
C LYS B 264 26.71 6.83 37.26
N GLY B 265 27.38 7.69 36.49
CA GLY B 265 26.97 7.98 35.12
C GLY B 265 27.23 6.81 34.19
N LEU B 266 26.39 6.67 33.16
CA LEU B 266 26.49 5.55 32.23
C LEU B 266 27.65 5.72 31.27
N LYS B 267 28.26 4.59 30.88
CA LYS B 267 29.29 4.60 29.83
C LYS B 267 29.25 3.32 28.98
N ASP B 268 30.01 3.33 27.89
CA ASP B 268 29.91 2.31 26.84
C ASP B 268 30.13 0.90 27.39
N GLU B 269 29.43 -0.06 26.79
CA GLU B 269 29.47 -1.48 27.20
C GLU B 269 28.64 -1.82 28.45
N ASP B 270 28.18 -0.81 29.19
CA ASP B 270 27.37 -1.08 30.40
C ASP B 270 26.08 -1.82 30.06
N ILE B 271 25.54 -2.55 31.03
CA ILE B 271 24.24 -3.20 30.88
C ILE B 271 23.29 -2.60 31.91
N VAL B 272 22.06 -2.35 31.47
CA VAL B 272 21.04 -1.76 32.34
C VAL B 272 19.84 -2.70 32.40
N GLU B 273 19.59 -3.23 33.60
CA GLU B 273 18.48 -4.14 33.84
C GLU B 273 17.44 -3.45 34.71
N ILE B 274 16.17 -3.55 34.31
CA ILE B 274 15.08 -2.99 35.10
C ILE B 274 14.02 -4.06 35.26
N THR B 275 13.55 -4.23 36.50
CA THR B 275 12.56 -5.24 36.81
C THR B 275 11.37 -4.60 37.48
N ILE B 276 10.19 -4.99 37.04
CA ILE B 276 8.94 -4.56 37.67
C ILE B 276 8.10 -5.79 37.92
N SER B 277 7.41 -5.82 39.07
CA SER B 277 6.60 -6.96 39.45
C SER B 277 5.46 -7.16 38.44
N ASN B 278 5.21 -8.44 38.10
CA ASN B 278 4.16 -8.84 37.16
C ASN B 278 4.40 -8.50 35.69
N ILE B 279 5.56 -7.92 35.37
CA ILE B 279 5.86 -7.53 34.00
C ILE B 279 7.08 -8.27 33.49
N GLY B 280 8.18 -8.19 34.22
CA GLY B 280 9.39 -8.93 33.84
C GLY B 280 10.66 -8.14 34.07
N THR B 281 11.67 -8.39 33.23
CA THR B 281 12.95 -7.70 33.33
C THR B 281 13.39 -7.18 31.98
N LEU B 282 13.50 -5.87 31.87
CA LEU B 282 14.02 -5.24 30.66
C LEU B 282 15.54 -5.11 30.79
N ILE B 283 16.27 -5.53 29.75
CA ILE B 283 17.74 -5.45 29.74
C ILE B 283 18.21 -4.77 28.45
N THR B 284 19.07 -3.75 28.60
CA THR B 284 19.62 -3.03 27.46
C THR B 284 21.11 -2.73 27.65
N PRO B 285 21.95 -3.07 26.66
CA PRO B 285 23.33 -2.59 26.71
C PRO B 285 23.42 -1.11 26.37
N VAL B 286 24.49 -0.47 26.81
CA VAL B 286 24.66 0.96 26.59
C VAL B 286 25.64 1.19 25.46
N LYS B 287 25.42 2.27 24.72
CA LYS B 287 26.28 2.67 23.62
C LYS B 287 26.59 4.15 23.76
N LYS B 288 27.89 4.49 23.78
CA LYS B 288 28.30 5.89 23.80
C LYS B 288 28.41 6.35 22.35
N ARG B 289 27.85 7.53 22.08
CA ARG B 289 27.85 8.08 20.72
C ARG B 289 29.15 8.84 20.45
N ARG B 290 29.74 8.56 19.28
CA ARG B 290 30.97 9.19 18.82
C ARG B 290 30.64 10.52 18.13
N LYS B 291 31.54 11.49 18.21
CA LYS B 291 31.36 12.79 17.56
C LYS B 291 31.85 12.75 16.12
N MET C 1 -14.91 13.53 -25.38
CA MET C 1 -13.61 13.30 -24.70
C MET C 1 -12.86 12.13 -25.35
N LYS C 2 -11.62 12.40 -25.78
CA LYS C 2 -10.74 11.36 -26.29
C LYS C 2 -9.58 11.19 -25.32
N LEU C 3 -9.40 9.96 -24.85
CA LEU C 3 -8.55 9.66 -23.70
C LEU C 3 -7.26 8.93 -24.09
N PHE C 4 -6.11 9.46 -23.68
CA PHE C 4 -4.83 8.81 -23.94
C PHE C 4 -3.95 8.79 -22.69
N ARG C 5 -2.87 8.02 -22.76
CA ARG C 5 -1.96 7.86 -21.63
C ARG C 5 -0.50 7.87 -22.09
N VAL C 6 0.38 8.35 -21.21
CA VAL C 6 1.81 8.34 -21.47
C VAL C 6 2.53 7.62 -20.33
N VAL C 7 3.81 7.31 -20.56
CA VAL C 7 4.69 6.83 -19.50
C VAL C 7 5.83 7.83 -19.35
N LYS C 8 6.08 8.24 -18.11
CA LYS C 8 7.05 9.27 -17.78
C LYS C 8 7.91 8.75 -16.64
N ARG C 9 9.14 8.38 -16.94
CA ARG C 9 10.12 8.01 -15.91
C ARG C 9 9.61 6.92 -14.95
N GLY C 10 8.96 5.90 -15.52
CA GLY C 10 8.53 4.74 -14.74
C GLY C 10 7.10 4.76 -14.21
N TYR C 11 6.40 5.87 -14.38
CA TYR C 11 4.99 5.96 -13.96
C TYR C 11 4.10 6.44 -15.11
N TYR C 12 2.81 6.15 -15.02
CA TYR C 12 1.84 6.57 -16.01
C TYR C 12 1.26 7.95 -15.68
N ILE C 13 0.81 8.68 -16.71
CA ILE C 13 -0.07 9.84 -16.55
C ILE C 13 -1.13 9.77 -17.64
N SER C 14 -2.40 9.94 -17.25
CA SER C 14 -3.53 9.91 -18.18
C SER C 14 -4.02 11.33 -18.49
N TYR C 15 -4.29 11.59 -19.77
CA TYR C 15 -4.83 12.88 -20.21
C TYR C 15 -6.07 12.65 -21.04
N ALA C 16 -7.07 13.51 -20.86
CA ALA C 16 -8.28 13.49 -21.69
C ALA C 16 -8.29 14.76 -22.55
N ILE C 17 -8.30 14.60 -23.87
CA ILE C 17 -8.41 15.77 -24.75
C ILE C 17 -9.88 16.00 -25.11
N LEU C 18 -10.33 17.24 -24.90
CA LEU C 18 -11.75 17.60 -25.03
C LEU C 18 -12.02 18.33 -26.35
N ASP C 19 -13.25 18.19 -26.84
CA ASP C 19 -13.73 18.93 -28.01
C ASP C 19 -13.39 20.41 -27.85
N ASN C 20 -12.21 20.79 -28.39
CA ASN C 20 -11.67 22.19 -28.38
C ASN C 20 -10.14 22.31 -28.22
N SER C 21 -9.41 21.19 -28.32
CA SER C 21 -7.94 21.19 -28.15
C SER C 21 -7.49 21.69 -26.77
N THR C 22 -8.32 21.45 -25.75
CA THR C 22 -7.97 21.77 -24.38
C THR C 22 -7.81 20.46 -23.62
N ILE C 23 -6.59 20.22 -23.11
CA ILE C 23 -6.23 18.93 -22.53
C ILE C 23 -6.29 18.98 -21.01
N ILE C 24 -6.95 17.98 -20.42
CA ILE C 24 -7.11 17.88 -18.97
C ILE C 24 -6.36 16.67 -18.41
N ARG C 25 -5.56 16.89 -17.38
CA ARG C 25 -4.83 15.83 -16.71
C ARG C 25 -5.68 15.21 -15.60
N LEU C 26 -5.92 13.89 -15.69
CA LEU C 26 -6.84 13.21 -14.78
C LEU C 26 -6.33 13.10 -13.34
N ASP C 27 -7.25 13.30 -12.39
CA ASP C 27 -7.02 12.98 -10.99
C ASP C 27 -7.19 11.47 -10.77
N GLU C 28 -8.10 10.87 -11.54
CA GLU C 28 -8.50 9.48 -11.37
C GLU C 28 -7.78 8.49 -12.27
N ASP C 29 -7.85 7.22 -11.88
CA ASP C 29 -7.53 6.10 -12.74
C ASP C 29 -8.37 6.19 -14.02
N PRO C 30 -7.76 5.98 -15.19
CA PRO C 30 -8.46 6.22 -16.45
C PRO C 30 -9.71 5.36 -16.69
N ILE C 31 -9.71 4.12 -16.22
CA ILE C 31 -10.90 3.27 -16.34
C ILE C 31 -12.06 3.87 -15.53
N LYS C 32 -11.77 4.32 -14.31
CA LYS C 32 -12.77 4.96 -13.46
C LYS C 32 -13.30 6.24 -14.11
N ALA C 33 -12.42 7.02 -14.71
CA ALA C 33 -12.82 8.23 -15.42
C ALA C 33 -13.85 7.95 -16.51
N LEU C 34 -13.63 6.88 -17.26
CA LEU C 34 -14.57 6.46 -18.30
C LEU C 34 -15.93 6.09 -17.70
N MET C 35 -15.92 5.47 -16.54
CA MET C 35 -17.17 5.11 -15.85
C MET C 35 -17.91 6.36 -15.37
N ARG C 36 -17.18 7.32 -14.81
CA ARG C 36 -17.74 8.60 -14.39
C ARG C 36 -18.29 9.37 -15.59
N TYR C 37 -17.49 9.52 -16.64
CA TYR C 37 -17.92 10.26 -17.83
C TYR C 37 -19.16 9.63 -18.47
N SER C 38 -19.25 8.31 -18.43
CA SER C 38 -20.43 7.58 -18.91
C SER C 38 -21.66 7.95 -18.09
N GLU C 39 -21.46 8.28 -16.82
CA GLU C 39 -22.54 8.63 -15.91
C GLU C 39 -23.07 10.05 -16.17
N ASN C 40 -22.20 11.04 -16.04
CA ASN C 40 -22.59 12.47 -16.05
C ASN C 40 -21.71 13.40 -16.90
N LYS C 41 -20.83 12.82 -17.72
CA LYS C 41 -19.90 13.59 -18.56
C LYS C 41 -18.97 14.51 -17.77
N GLU C 42 -18.71 14.19 -16.51
CA GLU C 42 -17.75 14.94 -15.71
C GLU C 42 -16.36 14.29 -15.74
N VAL C 43 -15.34 15.14 -15.62
CA VAL C 43 -13.95 14.72 -15.58
C VAL C 43 -13.27 15.47 -14.44
N LEU C 44 -12.49 14.75 -13.63
CA LEU C 44 -11.75 15.35 -12.51
C LEU C 44 -10.31 15.59 -12.92
N GLY C 45 -9.86 16.84 -12.83
CA GLY C 45 -8.49 17.17 -13.22
C GLY C 45 -8.23 18.65 -13.44
N ASP C 46 -7.00 18.95 -13.83
CA ASP C 46 -6.61 20.32 -14.15
C ASP C 46 -6.30 20.44 -15.62
N ARG C 47 -6.69 21.57 -16.19
CA ARG C 47 -6.43 21.86 -17.58
C ARG C 47 -4.93 22.11 -17.73
N VAL C 48 -4.28 21.31 -18.57
CA VAL C 48 -2.82 21.37 -18.76
C VAL C 48 -2.47 21.95 -20.12
N THR C 49 -1.35 22.66 -20.17
CA THR C 49 -0.76 23.10 -21.42
C THR C 49 0.64 22.49 -21.51
N GLY C 50 1.24 22.58 -22.70
CA GLY C 50 2.58 22.05 -22.92
C GLY C 50 2.64 20.57 -23.20
N ILE C 51 1.48 19.93 -23.37
CA ILE C 51 1.41 18.52 -23.75
C ILE C 51 1.10 18.45 -25.23
N ASP C 52 2.13 18.20 -26.04
CA ASP C 52 1.98 18.17 -27.49
C ASP C 52 1.41 16.82 -27.91
N TYR C 53 0.09 16.73 -27.89
CA TYR C 53 -0.63 15.50 -28.25
C TYR C 53 -0.40 15.10 -29.71
N GLN C 54 -0.32 16.10 -30.59
CA GLN C 54 -0.09 15.84 -32.02
C GLN C 54 1.32 15.35 -32.31
N SER C 55 2.31 15.91 -31.61
CA SER C 55 3.69 15.44 -31.74
C SER C 55 3.86 14.01 -31.23
N LEU C 56 3.08 13.64 -30.21
CA LEU C 56 3.05 12.26 -29.73
C LEU C 56 2.48 11.29 -30.77
N LEU C 57 1.44 11.72 -31.47
CA LEU C 57 0.82 10.87 -32.51
C LEU C 57 1.80 10.54 -33.63
N LYS C 58 2.65 11.48 -33.99
CA LYS C 58 3.61 11.31 -35.08
C LYS C 58 4.94 10.71 -34.61
N SER C 59 5.49 11.27 -33.54
CA SER C 59 6.84 10.91 -33.07
C SER C 59 6.89 9.86 -31.97
N PHE C 60 5.75 9.61 -31.30
CA PHE C 60 5.64 8.66 -30.17
C PHE C 60 6.27 9.19 -28.87
N GLN C 61 7.47 9.76 -28.97
CA GLN C 61 8.22 10.23 -27.82
C GLN C 61 8.57 11.72 -27.96
N ILE C 62 8.23 12.50 -26.93
CA ILE C 62 8.57 13.91 -26.86
C ILE C 62 9.11 14.19 -25.45
N ASN C 63 10.25 14.88 -25.36
CA ASN C 63 10.87 15.16 -24.08
C ASN C 63 11.08 13.89 -23.25
N ASP C 64 10.49 13.83 -22.06
CA ASP C 64 10.65 12.68 -21.16
C ASP C 64 9.35 11.85 -21.04
N ILE C 65 8.47 11.98 -22.03
CA ILE C 65 7.22 11.22 -22.07
C ILE C 65 7.06 10.48 -23.40
N ARG C 66 6.34 9.37 -23.36
CA ARG C 66 6.07 8.54 -24.53
C ARG C 66 4.66 7.95 -24.44
N ILE C 67 3.94 7.97 -25.56
CA ILE C 67 2.58 7.45 -25.60
C ILE C 67 2.57 5.91 -25.52
N THR C 68 1.46 5.36 -25.01
CA THR C 68 1.31 3.92 -24.84
C THR C 68 -0.17 3.55 -24.86
N LYS C 69 -0.49 2.31 -24.49
CA LYS C 69 -1.88 1.90 -24.26
C LYS C 69 -2.62 2.98 -23.46
N PRO C 70 -3.77 3.45 -23.94
CA PRO C 70 -4.52 4.41 -23.13
C PRO C 70 -4.91 3.87 -21.74
N ILE C 71 -5.31 2.61 -21.65
CA ILE C 71 -5.55 1.96 -20.35
C ILE C 71 -4.93 0.58 -20.28
N ASP C 72 -4.91 0.01 -19.06
CA ASP C 72 -4.61 -1.40 -18.86
C ASP C 72 -5.94 -2.15 -18.71
N PRO C 73 -6.41 -2.77 -19.81
CA PRO C 73 -7.68 -3.48 -19.75
C PRO C 73 -7.49 -4.82 -19.06
N PRO C 74 -8.13 -5.01 -17.89
CA PRO C 74 -7.94 -6.28 -17.18
C PRO C 74 -8.12 -7.50 -18.08
N GLU C 75 -9.07 -7.43 -19.00
CA GLU C 75 -9.30 -8.50 -19.97
C GLU C 75 -9.60 -7.94 -21.35
N VAL C 76 -9.26 -8.72 -22.37
CA VAL C 76 -9.61 -8.41 -23.75
C VAL C 76 -10.22 -9.65 -24.39
N TRP C 77 -11.38 -9.48 -25.00
CA TRP C 77 -12.05 -10.55 -25.72
C TRP C 77 -12.26 -10.10 -27.15
N GLY C 78 -12.61 -11.05 -28.01
CA GLY C 78 -12.81 -10.78 -29.42
C GLY C 78 -14.03 -11.47 -29.97
N SER C 79 -14.50 -10.99 -31.11
CA SER C 79 -15.64 -11.59 -31.78
C SER C 79 -15.38 -11.67 -33.28
N GLY C 80 -15.28 -12.89 -33.79
CA GLY C 80 -14.98 -13.12 -35.20
C GLY C 80 -16.20 -13.37 -36.05
N ILE C 81 -16.08 -13.13 -37.35
CA ILE C 81 -17.12 -13.39 -38.33
C ILE C 81 -18.38 -12.57 -38.01
N SER C 82 -18.18 -11.26 -37.92
CA SER C 82 -19.25 -10.30 -37.68
C SER C 82 -19.64 -9.55 -38.96
N TYR C 83 -18.70 -9.43 -39.89
CA TYR C 83 -18.96 -8.88 -41.22
C TYR C 83 -19.44 -9.98 -42.18
N GLU C 84 -19.86 -9.57 -43.38
CA GLU C 84 -20.38 -10.48 -44.42
C GLU C 84 -19.50 -11.71 -44.67
N ASN C 94 -7.40 -27.82 -46.68
CA ASN C 94 -8.17 -26.61 -46.39
C ASN C 94 -8.90 -26.68 -45.03
N VAL C 95 -9.76 -25.69 -44.76
CA VAL C 95 -10.38 -25.52 -43.44
C VAL C 95 -11.37 -26.63 -43.05
N ALA C 96 -11.69 -26.69 -41.76
CA ALA C 96 -12.58 -27.73 -41.20
C ALA C 96 -14.04 -27.44 -41.51
N LYS C 97 -14.89 -28.43 -41.31
CA LYS C 97 -16.32 -28.30 -41.64
C LYS C 97 -17.19 -29.30 -40.91
N ILE C 98 -18.43 -28.91 -40.66
CA ILE C 98 -19.43 -29.76 -40.00
C ILE C 98 -20.54 -30.05 -41.01
N LEU C 99 -20.58 -31.30 -41.50
CA LEU C 99 -21.48 -31.72 -42.57
C LEU C 99 -21.30 -30.87 -43.84
N GLY C 100 -20.05 -30.78 -44.30
CA GLY C 100 -19.74 -30.07 -45.54
C GLY C 100 -19.56 -28.57 -45.36
N LYS C 101 -20.48 -27.94 -44.64
CA LYS C 101 -20.46 -26.50 -44.39
C LYS C 101 -19.32 -26.13 -43.42
N THR C 102 -18.48 -25.16 -43.80
CA THR C 102 -17.29 -24.82 -43.01
C THR C 102 -17.66 -24.19 -41.66
N ILE C 103 -16.79 -24.39 -40.66
CA ILE C 103 -17.06 -23.92 -39.29
C ILE C 103 -17.32 -22.41 -39.21
N TYR C 104 -16.62 -21.64 -40.03
CA TYR C 104 -16.74 -20.19 -40.00
C TYR C 104 -18.09 -19.70 -40.52
N GLU C 105 -18.54 -20.26 -41.63
CA GLU C 105 -19.82 -19.87 -42.23
C GLU C 105 -21.02 -20.47 -41.47
N LYS C 106 -20.77 -21.41 -40.56
CA LYS C 106 -21.80 -21.87 -39.63
C LYS C 106 -22.04 -20.83 -38.53
N VAL C 107 -20.96 -20.30 -37.95
CA VAL C 107 -21.07 -19.29 -36.89
C VAL C 107 -21.81 -18.06 -37.41
N TYR C 108 -21.48 -17.63 -38.62
CA TYR C 108 -22.16 -16.49 -39.26
C TYR C 108 -23.69 -16.64 -39.25
N ASP C 109 -24.17 -17.81 -39.69
CA ASP C 109 -25.60 -18.09 -39.74
C ASP C 109 -26.22 -18.39 -38.37
N ALA C 110 -25.45 -19.02 -37.48
CA ALA C 110 -25.95 -19.46 -36.18
C ALA C 110 -26.33 -18.30 -35.27
N VAL C 111 -27.20 -18.57 -34.30
CA VAL C 111 -27.67 -17.55 -33.36
C VAL C 111 -26.55 -17.06 -32.45
N ARG C 112 -25.66 -17.97 -32.05
CA ARG C 112 -24.56 -17.67 -31.15
C ARG C 112 -23.34 -17.21 -31.95
N PRO C 113 -22.74 -16.07 -31.57
CA PRO C 113 -21.53 -15.58 -32.23
C PRO C 113 -20.25 -16.24 -31.73
N GLU C 114 -19.12 -15.95 -32.38
CA GLU C 114 -17.81 -16.39 -31.91
C GLU C 114 -17.30 -15.41 -30.85
N ILE C 115 -17.17 -15.88 -29.62
CA ILE C 115 -16.53 -15.13 -28.55
C ILE C 115 -15.31 -15.92 -28.08
N PHE C 116 -14.16 -15.24 -28.00
CA PHE C 116 -12.93 -15.86 -27.50
C PHE C 116 -12.10 -14.90 -26.65
N PHE C 117 -11.32 -15.46 -25.72
CA PHE C 117 -10.37 -14.68 -24.93
C PHE C 117 -9.16 -14.32 -25.78
N LYS C 118 -8.73 -13.06 -25.70
CA LYS C 118 -7.70 -12.53 -26.59
C LYS C 118 -6.44 -12.04 -25.87
N ALA C 119 -6.59 -11.31 -24.76
CA ALA C 119 -5.41 -10.68 -24.14
C ALA C 119 -5.58 -10.26 -22.68
N THR C 120 -4.42 -10.02 -22.06
CA THR C 120 -4.31 -9.40 -20.74
C THR C 120 -3.44 -8.17 -20.92
N PRO C 121 -3.45 -7.25 -19.94
CA PRO C 121 -2.70 -6.00 -20.11
C PRO C 121 -1.26 -6.19 -20.60
N ASN C 122 -0.50 -7.05 -19.93
CA ASN C 122 0.92 -7.25 -20.26
C ASN C 122 1.19 -7.79 -21.67
N ARG C 123 0.20 -8.45 -22.26
CA ARG C 123 0.29 -8.91 -23.64
C ARG C 123 -0.14 -7.85 -24.66
N CYS C 124 -0.67 -6.73 -24.20
CA CYS C 124 -1.12 -5.65 -25.08
C CYS C 124 -0.05 -4.57 -25.24
N VAL C 125 -0.10 -3.89 -26.38
CA VAL C 125 0.79 -2.77 -26.68
C VAL C 125 -0.02 -1.62 -27.28
N GLY C 126 0.62 -0.49 -27.54
CA GLY C 126 -0.06 0.67 -28.09
C GLY C 126 0.70 1.42 -29.17
N HIS C 127 0.17 2.59 -29.53
CA HIS C 127 0.75 3.48 -30.53
C HIS C 127 2.25 3.61 -30.29
N GLY C 128 3.06 3.32 -31.32
CA GLY C 128 4.52 3.42 -31.23
C GLY C 128 5.21 2.17 -30.74
N GLU C 129 4.53 1.38 -29.91
CA GLU C 129 5.09 0.12 -29.39
C GLU C 129 4.87 -1.01 -30.39
N ALA C 130 5.67 -2.07 -30.26
CA ALA C 130 5.74 -3.11 -31.28
C ALA C 130 4.75 -4.26 -31.07
N ILE C 131 4.08 -4.68 -32.14
CA ILE C 131 3.34 -5.95 -32.14
C ILE C 131 4.28 -7.07 -32.56
N ALA C 132 3.88 -8.31 -32.28
CA ALA C 132 4.76 -9.45 -32.43
C ALA C 132 4.22 -10.51 -33.39
N VAL C 133 5.12 -11.04 -34.22
CA VAL C 133 4.85 -12.27 -34.96
C VAL C 133 5.47 -13.42 -34.17
N ARG C 134 4.69 -14.47 -33.92
CA ARG C 134 5.18 -15.65 -33.18
C ARG C 134 6.32 -16.33 -33.93
N SER C 135 7.28 -16.86 -33.17
CA SER C 135 8.46 -17.52 -33.74
C SER C 135 8.12 -18.68 -34.68
N ASP C 136 6.99 -19.34 -34.40
CA ASP C 136 6.57 -20.53 -35.15
C ASP C 136 5.37 -20.25 -36.07
N SER C 137 5.25 -19.01 -36.55
CA SER C 137 4.20 -18.65 -37.50
C SER C 137 4.81 -18.04 -38.76
N GLU C 138 4.50 -18.65 -39.90
CA GLU C 138 4.96 -18.15 -41.20
C GLU C 138 3.90 -17.26 -41.87
N TRP C 139 2.70 -17.23 -41.30
CA TRP C 139 1.62 -16.39 -41.82
C TRP C 139 0.80 -15.77 -40.69
N THR C 140 1.15 -14.53 -40.34
CA THR C 140 0.49 -13.78 -39.29
C THR C 140 -0.04 -12.46 -39.85
N LEU C 141 -1.33 -12.21 -39.64
CA LEU C 141 -1.98 -11.03 -40.19
C LEU C 141 -2.49 -10.08 -39.11
N PRO C 142 -2.46 -8.77 -39.38
CA PRO C 142 -3.11 -7.80 -38.53
C PRO C 142 -4.58 -7.73 -38.91
N GLU C 143 -5.45 -7.90 -37.92
CA GLU C 143 -6.89 -7.76 -38.15
C GLU C 143 -7.35 -6.43 -37.54
N PRO C 144 -7.62 -5.42 -38.40
CA PRO C 144 -8.09 -4.12 -37.92
C PRO C 144 -9.56 -4.18 -37.53
N GLU C 145 -9.88 -3.70 -36.33
CA GLU C 145 -11.25 -3.80 -35.81
C GLU C 145 -11.60 -2.60 -34.92
N LEU C 146 -12.90 -2.39 -34.77
CA LEU C 146 -13.41 -1.42 -33.80
C LEU C 146 -13.62 -2.16 -32.50
N ALA C 147 -13.15 -1.58 -31.40
CA ALA C 147 -13.26 -2.20 -30.09
C ALA C 147 -13.95 -1.27 -29.11
N VAL C 148 -14.68 -1.87 -28.17
CA VAL C 148 -15.42 -1.12 -27.17
C VAL C 148 -14.85 -1.41 -25.78
N VAL C 149 -14.76 -0.36 -24.96
CA VAL C 149 -14.41 -0.50 -23.56
C VAL C 149 -15.72 -0.67 -22.80
N LEU C 150 -15.76 -1.65 -21.89
CA LEU C 150 -16.98 -2.01 -21.17
C LEU C 150 -16.83 -1.83 -19.66
N ASP C 151 -17.97 -1.65 -18.99
CA ASP C 151 -18.03 -1.83 -17.53
C ASP C 151 -18.50 -3.26 -17.25
N SER C 152 -18.56 -3.65 -15.98
CA SER C 152 -18.90 -5.02 -15.61
C SER C 152 -20.35 -5.39 -15.92
N ASN C 153 -21.17 -4.40 -16.27
CA ASN C 153 -22.55 -4.62 -16.71
C ASN C 153 -22.71 -4.74 -18.23
N GLY C 154 -21.66 -4.42 -18.98
CA GLY C 154 -21.70 -4.51 -20.44
C GLY C 154 -22.02 -3.19 -21.12
N LYS C 155 -21.96 -2.10 -20.36
CA LYS C 155 -22.24 -0.77 -20.87
C LYS C 155 -21.04 -0.26 -21.64
N ILE C 156 -21.27 0.19 -22.88
CA ILE C 156 -20.20 0.70 -23.73
C ILE C 156 -19.65 2.03 -23.21
N LEU C 157 -18.53 1.97 -22.50
CA LEU C 157 -17.89 3.16 -21.93
C LEU C 157 -17.07 3.96 -22.95
N GLY C 158 -16.84 3.40 -24.13
CA GLY C 158 -16.05 4.07 -25.15
C GLY C 158 -15.60 3.18 -26.29
N TYR C 159 -15.04 3.78 -27.34
CA TYR C 159 -14.57 3.06 -28.51
C TYR C 159 -13.08 3.28 -28.73
N THR C 160 -12.45 2.33 -29.42
CA THR C 160 -11.03 2.47 -29.79
C THR C 160 -10.68 1.59 -30.99
N ILE C 161 -9.49 1.83 -31.55
CA ILE C 161 -8.96 1.02 -32.64
C ILE C 161 -8.17 -0.12 -32.03
N MET C 162 -8.47 -1.35 -32.42
CA MET C 162 -7.69 -2.50 -31.97
C MET C 162 -7.15 -3.31 -33.15
N ASP C 163 -5.95 -3.84 -32.96
CA ASP C 163 -5.32 -4.74 -33.92
C ASP C 163 -5.30 -6.13 -33.31
N ASP C 164 -6.18 -7.01 -33.78
CA ASP C 164 -6.21 -8.41 -33.36
C ASP C 164 -5.22 -9.19 -34.20
N VAL C 165 -3.96 -9.25 -33.73
CA VAL C 165 -2.90 -9.92 -34.49
C VAL C 165 -3.06 -11.44 -34.39
N SER C 166 -3.18 -12.11 -35.54
CA SER C 166 -3.50 -13.54 -35.58
C SER C 166 -2.47 -14.33 -36.37
N ALA C 167 -1.99 -15.43 -35.79
CA ALA C 167 -1.17 -16.40 -36.50
C ALA C 167 -2.08 -17.31 -37.31
N ARG C 168 -2.40 -16.87 -38.53
CA ARG C 168 -3.45 -17.48 -39.35
C ARG C 168 -3.14 -18.90 -39.78
N ASP C 169 -1.87 -19.17 -40.08
CA ASP C 169 -1.45 -20.55 -40.38
C ASP C 169 -1.83 -21.50 -39.26
N LEU C 170 -1.47 -21.15 -38.03
CA LEU C 170 -1.77 -22.00 -36.88
C LEU C 170 -3.27 -22.22 -36.72
N GLU C 171 -4.05 -21.20 -37.04
CA GLU C 171 -5.52 -21.30 -37.04
C GLU C 171 -6.00 -22.27 -38.11
N ALA C 172 -5.43 -22.12 -39.31
CA ALA C 172 -5.81 -22.93 -40.47
C ALA C 172 -5.54 -24.42 -40.26
N GLU C 173 -4.43 -24.76 -39.62
CA GLU C 173 -4.09 -26.16 -39.32
C GLU C 173 -5.17 -26.84 -38.50
N ASN C 174 -5.67 -26.14 -37.48
CA ASN C 174 -6.71 -26.67 -36.60
C ASN C 174 -7.36 -25.52 -35.84
N PRO C 175 -8.71 -25.46 -35.80
CA PRO C 175 -9.38 -24.47 -34.97
C PRO C 175 -8.99 -24.53 -33.48
N LEU C 176 -8.59 -25.72 -33.03
CA LEU C 176 -8.15 -25.90 -31.65
C LEU C 176 -6.81 -25.24 -31.34
N TYR C 177 -6.13 -24.73 -32.35
CA TYR C 177 -4.92 -23.93 -32.16
C TYR C 177 -5.23 -22.42 -32.17
N LEU C 178 -6.51 -22.06 -32.05
CA LEU C 178 -6.92 -20.66 -32.09
C LEU C 178 -6.38 -19.86 -30.91
N PRO C 179 -6.49 -20.39 -29.67
CA PRO C 179 -5.93 -19.66 -28.55
C PRO C 179 -4.45 -19.35 -28.74
N GLN C 180 -3.68 -20.34 -29.19
CA GLN C 180 -2.25 -20.15 -29.44
C GLN C 180 -1.99 -19.13 -30.56
N SER C 181 -2.87 -19.11 -31.56
CA SER C 181 -2.75 -18.15 -32.66
C SER C 181 -3.12 -16.72 -32.26
N LYS C 182 -3.88 -16.58 -31.17
CA LYS C 182 -4.42 -15.28 -30.74
C LYS C 182 -3.73 -14.68 -29.52
N ILE C 183 -3.36 -15.51 -28.56
CA ILE C 183 -2.94 -15.04 -27.23
C ILE C 183 -1.42 -15.19 -26.98
N TYR C 184 -0.69 -14.09 -27.09
CA TYR C 184 0.76 -14.10 -26.82
C TYR C 184 1.29 -12.67 -26.63
N ALA C 185 2.57 -12.55 -26.28
CA ALA C 185 3.16 -11.23 -26.04
C ALA C 185 3.20 -10.39 -27.31
N GLY C 186 2.51 -9.25 -27.30
CA GLY C 186 2.45 -8.37 -28.47
C GLY C 186 1.48 -8.84 -29.55
N CYS C 187 0.45 -9.59 -29.13
CA CYS C 187 -0.56 -10.13 -30.04
C CYS C 187 -1.74 -9.19 -30.23
N CYS C 188 -1.69 -8.04 -29.57
CA CYS C 188 -2.83 -7.17 -29.50
C CYS C 188 -2.36 -5.74 -29.25
N ALA C 189 -2.90 -4.82 -30.04
CA ALA C 189 -2.57 -3.41 -29.89
C ALA C 189 -3.84 -2.59 -29.97
N PHE C 190 -3.89 -1.49 -29.23
CA PHE C 190 -5.03 -0.58 -29.30
C PHE C 190 -4.65 0.83 -28.90
N GLY C 191 -5.54 1.77 -29.22
CA GLY C 191 -5.27 3.20 -29.09
C GLY C 191 -5.49 3.89 -30.42
N PRO C 192 -4.85 5.05 -30.64
CA PRO C 192 -3.97 5.78 -29.71
C PRO C 192 -4.74 6.48 -28.60
N VAL C 193 -6.06 6.55 -28.75
CA VAL C 193 -6.94 7.06 -27.71
C VAL C 193 -8.11 6.11 -27.50
N ILE C 194 -8.82 6.33 -26.40
CA ILE C 194 -10.16 5.78 -26.22
C ILE C 194 -11.12 6.97 -26.26
N VAL C 195 -12.05 6.93 -27.22
CA VAL C 195 -13.05 7.99 -27.36
C VAL C 195 -14.30 7.60 -26.58
N THR C 196 -14.90 8.58 -25.89
CA THR C 196 -16.15 8.33 -25.16
C THR C 196 -17.32 8.12 -26.10
N SER C 197 -18.35 7.46 -25.59
CA SER C 197 -19.51 7.09 -26.39
C SER C 197 -20.07 8.24 -27.23
N ASP C 198 -20.11 9.44 -26.64
CA ASP C 198 -20.65 10.63 -27.34
C ASP C 198 -19.83 11.09 -28.55
N GLU C 199 -18.56 10.72 -28.61
CA GLU C 199 -17.69 11.09 -29.72
C GLU C 199 -18.04 10.38 -31.03
N ILE C 200 -18.81 9.29 -30.92
CA ILE C 200 -19.21 8.50 -32.08
C ILE C 200 -20.73 8.37 -32.11
N LYS C 201 -21.34 9.03 -33.11
CA LYS C 201 -22.79 9.04 -33.27
C LYS C 201 -23.28 7.67 -33.73
N ASN C 202 -22.77 7.24 -34.88
CA ASN C 202 -23.14 5.95 -35.46
C ASN C 202 -21.90 5.08 -35.58
N PRO C 203 -21.79 4.05 -34.71
CA PRO C 203 -20.65 3.14 -34.79
C PRO C 203 -20.68 2.26 -36.04
N TYR C 204 -21.86 2.07 -36.62
CA TYR C 204 -22.01 1.32 -37.88
C TYR C 204 -21.92 2.26 -39.09
N SER C 205 -21.08 3.30 -39.00
CA SER C 205 -20.92 4.30 -40.05
C SER C 205 -19.49 4.84 -40.11
N LEU C 206 -18.51 3.98 -39.80
CA LEU C 206 -17.11 4.40 -39.62
C LEU C 206 -16.22 3.72 -40.64
N ASP C 207 -15.18 4.43 -41.08
CA ASP C 207 -14.23 3.90 -42.08
C ASP C 207 -12.96 3.32 -41.46
N ILE C 208 -12.91 1.98 -41.38
CA ILE C 208 -11.70 1.26 -40.97
C ILE C 208 -10.79 1.08 -42.18
N THR C 209 -9.55 1.56 -42.08
CA THR C 209 -8.55 1.43 -43.16
C THR C 209 -7.26 0.80 -42.63
N LEU C 210 -6.80 -0.27 -43.28
CA LEU C 210 -5.54 -0.93 -42.94
C LEU C 210 -4.49 -0.66 -44.01
N LYS C 211 -3.33 -0.18 -43.57
CA LYS C 211 -2.15 -0.03 -44.43
C LYS C 211 -0.99 -0.80 -43.80
N ILE C 212 -0.14 -1.40 -44.64
CA ILE C 212 1.05 -2.09 -44.16
C ILE C 212 2.24 -1.60 -44.99
N VAL C 213 3.24 -1.06 -44.31
CA VAL C 213 4.41 -0.48 -45.00
C VAL C 213 5.64 -1.37 -44.84
N ARG C 214 6.18 -1.84 -45.97
CA ARG C 214 7.43 -2.60 -45.99
C ARG C 214 8.51 -1.83 -46.75
N GLU C 215 9.59 -1.48 -46.05
CA GLU C 215 10.71 -0.74 -46.63
C GLU C 215 10.28 0.55 -47.33
N GLY C 216 9.43 1.33 -46.67
CA GLY C 216 8.99 2.63 -47.20
C GLY C 216 7.86 2.56 -48.23
N ARG C 217 7.62 1.39 -48.80
CA ARG C 217 6.62 1.19 -49.84
C ARG C 217 5.35 0.60 -49.22
N VAL C 218 4.19 1.02 -49.71
CA VAL C 218 2.91 0.56 -49.18
C VAL C 218 2.59 -0.86 -49.68
N PHE C 219 2.97 -1.86 -48.90
CA PHE C 219 2.85 -3.27 -49.27
C PHE C 219 1.41 -3.76 -49.36
N PHE C 220 0.49 -3.10 -48.66
CA PHE C 220 -0.93 -3.44 -48.71
C PHE C 220 -1.78 -2.26 -48.27
N GLU C 221 -2.98 -2.14 -48.86
CA GLU C 221 -3.99 -1.17 -48.43
C GLU C 221 -5.39 -1.74 -48.66
N GLY C 222 -6.39 -1.18 -47.99
CA GLY C 222 -7.77 -1.62 -48.15
C GLY C 222 -8.60 -1.24 -46.95
N SER C 223 -9.75 -0.63 -47.20
CA SER C 223 -10.62 -0.15 -46.13
C SER C 223 -12.02 -0.72 -46.26
N VAL C 224 -12.82 -0.52 -45.20
CA VAL C 224 -14.19 -0.99 -45.15
C VAL C 224 -14.95 -0.08 -44.19
N ASN C 225 -16.27 0.01 -44.36
CA ASN C 225 -17.11 0.75 -43.44
C ASN C 225 -17.86 -0.18 -42.50
N THR C 226 -18.13 0.29 -41.29
CA THR C 226 -18.79 -0.51 -40.27
C THR C 226 -20.28 -0.74 -40.52
N ASN C 227 -20.83 -0.13 -41.59
CA ASN C 227 -22.19 -0.45 -42.05
C ASN C 227 -22.31 -1.88 -42.63
N LYS C 228 -21.17 -2.46 -43.03
CA LYS C 228 -21.13 -3.82 -43.57
C LYS C 228 -21.19 -4.89 -42.46
N MET C 229 -21.14 -4.44 -41.20
CA MET C 229 -21.13 -5.34 -40.05
C MET C 229 -22.54 -5.87 -39.82
N ARG C 230 -22.70 -7.19 -39.93
CA ARG C 230 -24.02 -7.81 -39.81
C ARG C 230 -24.34 -8.32 -38.40
N ARG C 231 -23.31 -8.64 -37.62
CA ARG C 231 -23.51 -8.98 -36.21
C ARG C 231 -23.41 -7.71 -35.38
N LYS C 232 -24.46 -7.40 -34.63
CA LYS C 232 -24.49 -6.16 -33.85
C LYS C 232 -23.74 -6.33 -32.52
N ILE C 233 -23.04 -5.26 -32.13
CA ILE C 233 -22.13 -5.29 -30.98
C ILE C 233 -22.87 -5.64 -29.69
N GLU C 234 -24.09 -5.15 -29.54
CA GLU C 234 -24.88 -5.43 -28.33
C GLU C 234 -25.11 -6.94 -28.16
N GLU C 235 -25.26 -7.66 -29.28
CA GLU C 235 -25.40 -9.10 -29.25
C GLU C 235 -24.10 -9.76 -28.79
N GLN C 236 -22.97 -9.24 -29.28
CA GLN C 236 -21.65 -9.74 -28.90
C GLN C 236 -21.42 -9.56 -27.40
N ILE C 237 -21.76 -8.38 -26.89
CA ILE C 237 -21.66 -8.08 -25.47
C ILE C 237 -22.61 -8.96 -24.65
N GLN C 238 -23.79 -9.23 -25.20
CA GLN C 238 -24.80 -10.09 -24.55
C GLN C 238 -24.22 -11.47 -24.23
N TYR C 239 -23.61 -12.11 -25.24
CA TYR C 239 -23.06 -13.47 -25.08
C TYR C 239 -21.72 -13.50 -24.32
N LEU C 240 -20.90 -12.46 -24.50
CA LEU C 240 -19.65 -12.30 -23.74
C LEU C 240 -19.88 -12.38 -22.24
N ILE C 241 -20.92 -11.69 -21.76
CA ILE C 241 -21.16 -11.58 -20.31
C ILE C 241 -22.11 -12.64 -19.74
N ARG C 242 -22.79 -13.40 -20.59
CA ARG C 242 -23.70 -14.44 -20.12
C ARG C 242 -22.94 -15.41 -19.23
N ASP C 243 -23.33 -15.46 -17.95
CA ASP C 243 -22.69 -16.31 -16.94
C ASP C 243 -21.19 -16.04 -16.79
N ASN C 244 -20.75 -14.86 -17.23
CA ASN C 244 -19.33 -14.57 -17.37
C ASN C 244 -18.99 -13.17 -16.85
N PRO C 245 -18.74 -13.05 -15.54
CA PRO C 245 -18.39 -11.74 -14.97
C PRO C 245 -17.09 -11.18 -15.55
N ILE C 246 -17.21 -10.04 -16.22
CA ILE C 246 -16.07 -9.31 -16.74
C ILE C 246 -15.81 -8.10 -15.85
N PRO C 247 -14.52 -7.76 -15.63
CA PRO C 247 -14.20 -6.56 -14.85
C PRO C 247 -14.39 -5.26 -15.62
N ASP C 248 -14.38 -4.14 -14.90
CA ASP C 248 -14.50 -2.83 -15.50
C ASP C 248 -13.24 -2.52 -16.30
N GLY C 249 -13.42 -2.02 -17.52
CA GLY C 249 -12.30 -1.72 -18.41
C GLY C 249 -12.02 -2.85 -19.39
N THR C 250 -12.79 -3.92 -19.32
CA THR C 250 -12.70 -5.02 -20.27
C THR C 250 -12.92 -4.49 -21.69
N ILE C 251 -12.10 -4.93 -22.63
CA ILE C 251 -12.24 -4.49 -24.01
C ILE C 251 -12.79 -5.63 -24.86
N LEU C 252 -13.75 -5.30 -25.72
CA LEU C 252 -14.30 -6.25 -26.66
C LEU C 252 -14.07 -5.77 -28.08
N THR C 253 -13.18 -6.44 -28.79
CA THR C 253 -12.94 -6.15 -30.20
C THR C 253 -13.99 -6.90 -31.04
N THR C 254 -14.54 -6.21 -32.03
CA THR C 254 -15.83 -6.60 -32.63
C THR C 254 -15.75 -7.49 -33.87
N GLY C 255 -14.57 -7.56 -34.49
CA GLY C 255 -14.35 -8.38 -35.69
C GLY C 255 -13.79 -7.57 -36.84
N THR C 256 -13.12 -8.24 -37.77
CA THR C 256 -12.50 -7.56 -38.92
C THR C 256 -13.18 -7.93 -40.23
N ALA C 257 -13.06 -7.02 -41.20
CA ALA C 257 -13.53 -7.25 -42.57
C ALA C 257 -12.39 -7.25 -43.57
N ILE C 258 -11.27 -6.65 -43.20
CA ILE C 258 -10.12 -6.49 -44.09
C ILE C 258 -9.15 -7.65 -43.85
N VAL C 259 -9.00 -8.49 -44.88
CA VAL C 259 -8.25 -9.74 -44.77
C VAL C 259 -7.29 -9.90 -45.95
N PRO C 260 -6.02 -9.49 -45.76
CA PRO C 260 -4.98 -9.74 -46.77
C PRO C 260 -4.85 -11.23 -47.12
N GLY C 261 -4.19 -11.50 -48.25
CA GLY C 261 -4.03 -12.86 -48.77
C GLY C 261 -2.88 -13.61 -48.12
N ARG C 262 -2.68 -14.84 -48.58
CA ARG C 262 -1.61 -15.72 -48.08
C ARG C 262 -0.20 -15.14 -48.29
N ASP C 263 -0.03 -14.36 -49.35
CA ASP C 263 1.28 -13.75 -49.65
C ASP C 263 1.55 -12.44 -48.88
N LYS C 264 0.57 -11.95 -48.15
CA LYS C 264 0.70 -10.67 -47.44
C LYS C 264 0.88 -10.83 -45.93
N GLY C 265 1.64 -11.85 -45.51
CA GLY C 265 1.93 -12.09 -44.10
C GLY C 265 2.97 -11.11 -43.57
N LEU C 266 2.79 -10.65 -42.33
CA LEU C 266 3.70 -9.70 -41.69
C LEU C 266 5.10 -10.29 -41.48
N LYS C 267 6.10 -9.42 -41.46
CA LYS C 267 7.47 -9.81 -41.11
C LYS C 267 8.21 -8.66 -40.44
N ASP C 268 9.39 -8.96 -39.90
CA ASP C 268 10.13 -7.99 -39.08
C ASP C 268 10.29 -6.64 -39.78
N GLU C 269 10.24 -5.57 -38.98
CA GLU C 269 10.47 -4.17 -39.41
C GLU C 269 9.28 -3.50 -40.12
N ASP C 270 8.18 -4.23 -40.33
CA ASP C 270 6.98 -3.64 -40.97
C ASP C 270 6.39 -2.52 -40.13
N ILE C 271 5.45 -1.78 -40.71
CA ILE C 271 4.69 -0.75 -39.98
C ILE C 271 3.21 -0.93 -40.27
N VAL C 272 2.44 -1.34 -39.27
CA VAL C 272 1.00 -1.59 -39.42
C VAL C 272 0.20 -0.38 -38.97
N GLU C 273 -0.43 0.31 -39.90
CA GLU C 273 -1.19 1.52 -39.62
C GLU C 273 -2.67 1.25 -39.83
N ILE C 274 -3.47 1.51 -38.79
CA ILE C 274 -4.92 1.31 -38.87
C ILE C 274 -5.63 2.60 -38.51
N THR C 275 -6.50 3.07 -39.40
CA THR C 275 -7.24 4.32 -39.22
C THR C 275 -8.72 4.03 -39.07
N ILE C 276 -9.37 4.73 -38.14
CA ILE C 276 -10.82 4.68 -37.97
C ILE C 276 -11.37 6.10 -37.82
N SER C 277 -12.53 6.34 -38.45
CA SER C 277 -13.18 7.64 -38.42
C SER C 277 -13.49 8.07 -36.99
N ASN C 278 -13.13 9.31 -36.67
CA ASN C 278 -13.41 9.94 -35.38
C ASN C 278 -12.50 9.50 -34.22
N ILE C 279 -11.62 8.53 -34.47
CA ILE C 279 -10.74 7.98 -33.43
C ILE C 279 -9.30 8.39 -33.70
N GLY C 280 -8.81 8.06 -34.89
CA GLY C 280 -7.46 8.45 -35.30
C GLY C 280 -6.75 7.32 -36.05
N THR C 281 -5.43 7.34 -36.02
CA THR C 281 -4.62 6.30 -36.64
C THR C 281 -3.68 5.67 -35.62
N LEU C 282 -3.77 4.34 -35.48
CA LEU C 282 -2.87 3.57 -34.62
C LEU C 282 -1.70 3.04 -35.45
N ILE C 283 -0.48 3.28 -34.98
CA ILE C 283 0.72 2.88 -35.69
C ILE C 283 1.61 2.01 -34.80
N THR C 284 1.93 0.81 -35.27
CA THR C 284 2.75 -0.15 -34.53
C THR C 284 3.75 -0.85 -35.44
N PRO C 285 5.07 -0.74 -35.13
CA PRO C 285 6.04 -1.52 -35.90
C PRO C 285 5.94 -3.01 -35.59
N VAL C 286 6.38 -3.85 -36.51
CA VAL C 286 6.27 -5.31 -36.34
C VAL C 286 7.62 -5.89 -35.92
N LYS C 287 7.56 -6.86 -35.03
CA LYS C 287 8.75 -7.51 -34.48
C LYS C 287 8.56 -9.02 -34.57
N LYS C 288 9.51 -9.70 -35.21
CA LYS C 288 9.45 -11.15 -35.36
C LYS C 288 10.16 -11.80 -34.18
N ARG C 289 9.52 -12.78 -33.57
CA ARG C 289 10.16 -13.57 -32.51
C ARG C 289 10.98 -14.69 -33.14
N ARG C 290 12.06 -15.06 -32.47
CA ARG C 290 13.00 -16.06 -32.99
C ARG C 290 13.16 -17.20 -31.99
N LYS C 291 13.58 -18.36 -32.48
CA LYS C 291 13.70 -19.57 -31.67
C LYS C 291 15.08 -19.67 -31.01
N MET D 1 5.42 -31.20 1.31
CA MET D 1 4.51 -30.18 1.88
C MET D 1 3.20 -30.16 1.11
N LYS D 2 2.09 -30.08 1.84
CA LYS D 2 0.77 -29.86 1.22
C LYS D 2 0.20 -28.53 1.71
N LEU D 3 -0.23 -27.71 0.76
CA LEU D 3 -0.53 -26.31 1.02
C LEU D 3 -2.02 -26.02 0.80
N PHE D 4 -2.70 -25.55 1.85
CA PHE D 4 -4.11 -25.18 1.72
C PHE D 4 -4.40 -23.79 2.26
N ARG D 5 -5.56 -23.26 1.90
CA ARG D 5 -5.94 -21.91 2.28
C ARG D 5 -7.40 -21.87 2.76
N VAL D 6 -7.62 -21.09 3.82
CA VAL D 6 -8.95 -20.87 4.37
C VAL D 6 -9.31 -19.39 4.30
N VAL D 7 -10.59 -19.10 4.49
CA VAL D 7 -11.05 -17.73 4.70
C VAL D 7 -11.52 -17.62 6.15
N LYS D 8 -10.92 -16.68 6.88
CA LYS D 8 -11.24 -16.43 8.28
C LYS D 8 -11.55 -14.95 8.44
N ARG D 9 -12.80 -14.64 8.81
CA ARG D 9 -13.26 -13.26 9.02
C ARG D 9 -12.95 -12.34 7.84
N GLY D 10 -13.20 -12.84 6.63
CA GLY D 10 -13.02 -12.03 5.40
C GLY D 10 -11.61 -11.93 4.83
N TYR D 11 -10.59 -12.36 5.58
CA TYR D 11 -9.21 -12.39 5.05
C TYR D 11 -8.70 -13.84 4.85
N TYR D 12 -7.71 -14.00 3.97
CA TYR D 12 -7.14 -15.32 3.67
C TYR D 12 -6.07 -15.70 4.68
N ILE D 13 -5.97 -17.00 4.98
CA ILE D 13 -4.83 -17.54 5.71
C ILE D 13 -4.36 -18.84 5.03
N SER D 14 -3.04 -18.96 4.86
CA SER D 14 -2.46 -20.13 4.23
C SER D 14 -1.76 -20.99 5.26
N TYR D 15 -2.02 -22.29 5.19
CA TYR D 15 -1.38 -23.27 6.06
C TYR D 15 -0.67 -24.33 5.23
N ALA D 16 0.36 -24.94 5.82
CA ALA D 16 1.08 -26.04 5.21
C ALA D 16 1.05 -27.23 6.16
N ILE D 17 0.73 -28.41 5.63
CA ILE D 17 0.79 -29.64 6.42
C ILE D 17 1.98 -30.49 5.97
N LEU D 18 2.82 -30.84 6.93
CA LEU D 18 4.04 -31.61 6.68
C LEU D 18 3.76 -33.10 6.88
N ASP D 19 4.62 -33.94 6.32
CA ASP D 19 4.44 -35.40 6.35
C ASP D 19 4.25 -35.95 7.77
N ASN D 20 4.88 -35.30 8.74
CA ASN D 20 4.70 -35.64 10.17
C ASN D 20 3.38 -35.12 10.77
N SER D 21 2.50 -34.55 9.93
CA SER D 21 1.20 -34.00 10.34
C SER D 21 1.24 -32.72 11.18
N THR D 22 2.42 -32.08 11.27
CA THR D 22 2.51 -30.77 11.89
C THR D 22 2.01 -29.74 10.87
N ILE D 23 1.24 -28.76 11.34
CA ILE D 23 0.70 -27.73 10.46
C ILE D 23 1.44 -26.43 10.72
N ILE D 24 1.80 -25.74 9.63
CA ILE D 24 2.52 -24.49 9.72
C ILE D 24 1.73 -23.38 9.04
N ARG D 25 1.65 -22.24 9.72
CA ARG D 25 1.00 -21.06 9.18
C ARG D 25 2.03 -20.24 8.43
N LEU D 26 1.75 -19.96 7.16
CA LEU D 26 2.71 -19.26 6.31
C LEU D 26 2.82 -17.79 6.69
N ASP D 27 4.05 -17.29 6.76
CA ASP D 27 4.32 -15.85 6.79
C ASP D 27 4.13 -15.22 5.42
N GLU D 28 4.28 -16.01 4.35
CA GLU D 28 4.34 -15.49 2.98
C GLU D 28 3.08 -15.75 2.18
N ASP D 29 2.91 -14.99 1.11
CA ASP D 29 1.96 -15.31 0.06
C ASP D 29 2.25 -16.75 -0.44
N PRO D 30 1.20 -17.59 -0.57
CA PRO D 30 1.41 -19.01 -0.90
C PRO D 30 2.11 -19.29 -2.25
N ILE D 31 1.91 -18.43 -3.25
CA ILE D 31 2.62 -18.55 -4.52
C ILE D 31 4.12 -18.34 -4.30
N LYS D 32 4.48 -17.26 -3.61
CA LYS D 32 5.88 -17.00 -3.25
C LYS D 32 6.44 -18.11 -2.34
N ALA D 33 5.57 -18.70 -1.53
CA ALA D 33 5.98 -19.80 -0.64
C ALA D 33 6.30 -21.08 -1.42
N LEU D 34 5.51 -21.37 -2.44
CA LEU D 34 5.78 -22.48 -3.35
C LEU D 34 7.08 -22.24 -4.14
N MET D 35 7.33 -21.00 -4.52
CA MET D 35 8.57 -20.62 -5.21
C MET D 35 9.79 -20.78 -4.30
N ARG D 36 9.64 -20.42 -3.04
CA ARG D 36 10.70 -20.58 -2.05
C ARG D 36 10.98 -22.06 -1.78
N TYR D 37 9.92 -22.87 -1.61
CA TYR D 37 10.07 -24.30 -1.36
C TYR D 37 10.81 -24.96 -2.51
N SER D 38 10.40 -24.61 -3.72
CA SER D 38 11.07 -25.00 -4.96
C SER D 38 12.60 -24.80 -4.92
N GLU D 39 13.06 -23.76 -4.22
CA GLU D 39 14.49 -23.46 -4.12
C GLU D 39 15.21 -24.22 -3.00
N ASN D 40 14.63 -24.28 -1.80
CA ASN D 40 15.32 -24.88 -0.64
C ASN D 40 14.44 -25.69 0.32
N LYS D 41 13.24 -26.06 -0.12
CA LYS D 41 12.30 -26.86 0.71
C LYS D 41 11.96 -26.26 2.09
N GLU D 42 12.07 -24.94 2.23
CA GLU D 42 11.80 -24.26 3.50
C GLU D 42 10.44 -23.56 3.50
N VAL D 43 9.69 -23.72 4.59
CA VAL D 43 8.42 -23.02 4.78
C VAL D 43 8.62 -21.99 5.88
N LEU D 44 8.42 -20.71 5.55
CA LEU D 44 8.47 -19.64 6.55
C LEU D 44 7.15 -19.53 7.29
N GLY D 45 7.17 -19.75 8.59
CA GLY D 45 5.94 -19.69 9.38
C GLY D 45 6.10 -20.20 10.80
N ASP D 46 4.98 -20.42 11.47
CA ASP D 46 5.00 -20.99 12.83
C ASP D 46 4.15 -22.24 12.87
N ARG D 47 4.55 -23.18 13.71
CA ARG D 47 3.79 -24.41 13.94
C ARG D 47 2.55 -24.05 14.72
N VAL D 48 1.38 -24.49 14.23
CA VAL D 48 0.11 -24.19 14.86
C VAL D 48 -0.62 -25.46 15.28
N THR D 49 -1.18 -25.43 16.49
CA THR D 49 -2.12 -26.45 16.96
C THR D 49 -3.53 -25.89 16.84
N GLY D 50 -4.53 -26.76 16.86
CA GLY D 50 -5.92 -26.34 16.78
C GLY D 50 -6.46 -26.17 15.37
N ILE D 51 -5.64 -26.42 14.36
CA ILE D 51 -6.12 -26.42 12.98
C ILE D 51 -6.51 -27.84 12.63
N ASP D 52 -7.80 -28.06 12.37
CA ASP D 52 -8.33 -29.40 12.19
C ASP D 52 -8.43 -29.74 10.70
N TYR D 53 -7.27 -29.99 10.11
CA TYR D 53 -7.14 -30.24 8.67
C TYR D 53 -8.14 -31.28 8.15
N GLN D 54 -8.22 -32.41 8.85
CA GLN D 54 -9.10 -33.50 8.45
C GLN D 54 -10.57 -33.09 8.44
N SER D 55 -11.00 -32.35 9.46
CA SER D 55 -12.38 -31.88 9.54
C SER D 55 -12.69 -30.90 8.42
N LEU D 56 -11.70 -30.09 8.03
CA LEU D 56 -11.84 -29.18 6.89
C LEU D 56 -12.08 -29.93 5.58
N LEU D 57 -11.37 -31.03 5.37
CA LEU D 57 -11.55 -31.85 4.16
C LEU D 57 -12.94 -32.48 4.13
N LYS D 58 -13.38 -32.99 5.29
CA LYS D 58 -14.64 -33.72 5.38
C LYS D 58 -15.85 -32.81 5.54
N SER D 59 -15.70 -31.72 6.29
CA SER D 59 -16.83 -30.83 6.63
C SER D 59 -16.78 -29.42 6.00
N PHE D 60 -15.60 -29.01 5.49
CA PHE D 60 -15.39 -27.69 4.85
C PHE D 60 -15.24 -26.52 5.83
N GLN D 61 -16.19 -26.40 6.78
CA GLN D 61 -16.18 -25.32 7.77
C GLN D 61 -15.98 -25.93 9.15
N ILE D 62 -15.03 -25.36 9.90
CA ILE D 62 -14.81 -25.71 11.31
C ILE D 62 -14.42 -24.46 12.06
N ASN D 63 -14.95 -24.28 13.26
CA ASN D 63 -14.78 -23.06 14.03
C ASN D 63 -15.11 -21.84 13.17
N ASP D 64 -14.14 -20.94 12.96
CA ASP D 64 -14.38 -19.72 12.17
C ASP D 64 -13.65 -19.75 10.82
N ILE D 65 -13.11 -20.93 10.47
CA ILE D 65 -12.35 -21.08 9.22
C ILE D 65 -13.06 -22.01 8.24
N ARG D 66 -13.07 -21.62 6.97
CA ARG D 66 -13.64 -22.43 5.91
C ARG D 66 -12.62 -22.57 4.79
N ILE D 67 -12.44 -23.79 4.31
CA ILE D 67 -11.46 -24.06 3.26
C ILE D 67 -11.93 -23.51 1.92
N THR D 68 -10.97 -23.11 1.09
CA THR D 68 -11.26 -22.57 -0.24
C THR D 68 -10.12 -22.98 -1.21
N LYS D 69 -10.10 -22.37 -2.40
CA LYS D 69 -8.96 -22.50 -3.32
C LYS D 69 -7.65 -22.33 -2.57
N PRO D 70 -6.69 -23.24 -2.79
CA PRO D 70 -5.38 -23.10 -2.12
C PRO D 70 -4.59 -21.83 -2.51
N ILE D 71 -4.80 -21.33 -3.72
CA ILE D 71 -4.18 -20.08 -4.18
C ILE D 71 -5.11 -19.35 -5.13
N ASP D 72 -4.79 -18.10 -5.43
CA ASP D 72 -5.40 -17.38 -6.54
C ASP D 72 -4.44 -17.48 -7.71
N PRO D 73 -4.75 -18.34 -8.69
CA PRO D 73 -3.83 -18.48 -9.81
C PRO D 73 -4.14 -17.40 -10.82
N PRO D 74 -3.20 -16.48 -11.06
CA PRO D 74 -3.51 -15.35 -11.94
C PRO D 74 -4.11 -15.79 -13.26
N GLU D 75 -3.52 -16.83 -13.86
CA GLU D 75 -4.05 -17.41 -15.09
C GLU D 75 -4.20 -18.92 -14.94
N VAL D 76 -5.15 -19.48 -15.68
CA VAL D 76 -5.30 -20.93 -15.76
C VAL D 76 -5.47 -21.33 -17.22
N TRP D 77 -4.67 -22.29 -17.66
CA TRP D 77 -4.75 -22.81 -19.01
C TRP D 77 -5.02 -24.30 -18.97
N GLY D 78 -5.41 -24.85 -20.11
CA GLY D 78 -5.67 -26.29 -20.23
C GLY D 78 -5.11 -26.87 -21.51
N SER D 79 -4.81 -28.16 -21.47
CA SER D 79 -4.43 -28.92 -22.64
C SER D 79 -5.46 -30.02 -22.88
N GLY D 80 -5.85 -30.21 -24.13
CA GLY D 80 -6.81 -31.26 -24.49
C GLY D 80 -6.18 -32.43 -25.21
N ILE D 81 -6.85 -33.58 -25.12
CA ILE D 81 -6.52 -34.77 -25.90
C ILE D 81 -5.07 -35.20 -25.65
N SER D 82 -4.74 -35.33 -24.36
CA SER D 82 -3.41 -35.76 -23.93
C SER D 82 -3.40 -37.26 -23.61
N TYR D 83 -4.59 -37.86 -23.58
CA TYR D 83 -4.76 -39.28 -23.27
C TYR D 83 -5.05 -40.07 -24.56
N GLU D 84 -5.28 -41.37 -24.42
CA GLU D 84 -5.44 -42.27 -25.57
C GLU D 84 -6.61 -41.87 -26.47
N ASN D 94 -22.78 -34.65 -36.04
CA ASN D 94 -21.63 -34.86 -35.16
C ASN D 94 -20.45 -33.92 -35.50
N VAL D 95 -19.28 -34.18 -34.89
CA VAL D 95 -18.20 -33.17 -34.79
C VAL D 95 -17.55 -32.73 -36.11
N ALA D 96 -16.82 -31.62 -36.04
CA ALA D 96 -16.11 -31.04 -37.18
C ALA D 96 -14.90 -31.88 -37.55
N LYS D 97 -14.40 -31.68 -38.76
CA LYS D 97 -13.30 -32.50 -39.29
C LYS D 97 -12.62 -31.89 -40.51
N ILE D 98 -11.30 -32.09 -40.60
CA ILE D 98 -10.49 -31.61 -41.71
C ILE D 98 -10.08 -32.81 -42.55
N LEU D 99 -10.47 -32.78 -43.83
CA LEU D 99 -10.14 -33.85 -44.77
C LEU D 99 -10.49 -35.24 -44.21
N GLY D 100 -11.73 -35.37 -43.71
CA GLY D 100 -12.22 -36.65 -43.18
C GLY D 100 -11.79 -36.93 -41.74
N LYS D 101 -10.55 -36.57 -41.39
CA LYS D 101 -10.01 -36.80 -40.05
C LYS D 101 -10.58 -35.75 -39.09
N THR D 102 -11.20 -36.21 -37.99
CA THR D 102 -11.80 -35.30 -37.00
C THR D 102 -10.72 -34.45 -36.30
N ILE D 103 -11.04 -33.18 -36.07
CA ILE D 103 -10.07 -32.21 -35.52
C ILE D 103 -9.39 -32.69 -34.25
N TYR D 104 -10.10 -33.47 -33.44
CA TYR D 104 -9.58 -33.96 -32.16
C TYR D 104 -8.51 -35.03 -32.36
N GLU D 105 -8.71 -35.92 -33.33
CA GLU D 105 -7.73 -36.98 -33.61
C GLU D 105 -6.56 -36.48 -34.48
N LYS D 106 -6.75 -35.35 -35.16
CA LYS D 106 -5.63 -34.64 -35.78
C LYS D 106 -4.68 -34.07 -34.72
N VAL D 107 -5.25 -33.48 -33.66
CA VAL D 107 -4.46 -32.95 -32.55
C VAL D 107 -3.71 -34.07 -31.83
N TYR D 108 -4.40 -35.18 -31.61
CA TYR D 108 -3.81 -36.33 -30.90
C TYR D 108 -2.52 -36.86 -31.55
N ASP D 109 -2.40 -36.71 -32.87
CA ASP D 109 -1.19 -37.12 -33.62
C ASP D 109 -0.26 -35.96 -33.90
N ALA D 110 -0.78 -34.73 -33.94
CA ALA D 110 0.00 -33.56 -34.34
C ALA D 110 1.13 -33.25 -33.37
N VAL D 111 2.19 -32.62 -33.87
CA VAL D 111 3.31 -32.20 -33.02
C VAL D 111 2.87 -31.14 -32.01
N ARG D 112 2.01 -30.22 -32.47
CA ARG D 112 1.44 -29.17 -31.62
C ARG D 112 0.20 -29.70 -30.88
N PRO D 113 0.19 -29.60 -29.53
CA PRO D 113 -0.99 -29.99 -28.76
C PRO D 113 -2.02 -28.86 -28.62
N GLU D 114 -3.20 -29.19 -28.13
CA GLU D 114 -4.22 -28.20 -27.83
C GLU D 114 -3.85 -27.46 -26.54
N ILE D 115 -3.80 -26.13 -26.62
CA ILE D 115 -3.60 -25.25 -25.48
C ILE D 115 -4.66 -24.15 -25.55
N PHE D 116 -5.45 -24.02 -24.47
CA PHE D 116 -6.52 -23.02 -24.42
C PHE D 116 -6.54 -22.32 -23.06
N PHE D 117 -6.93 -21.06 -23.06
CA PHE D 117 -7.12 -20.31 -21.81
C PHE D 117 -8.37 -20.82 -21.10
N LYS D 118 -8.28 -21.03 -19.79
CA LYS D 118 -9.38 -21.65 -19.03
C LYS D 118 -10.06 -20.71 -18.04
N ALA D 119 -9.29 -20.02 -17.20
CA ALA D 119 -9.89 -19.22 -16.12
C ALA D 119 -8.98 -18.10 -15.58
N THR D 120 -9.61 -17.22 -14.81
CA THR D 120 -8.94 -16.22 -13.99
C THR D 120 -9.31 -16.57 -12.54
N PRO D 121 -8.58 -16.01 -11.55
CA PRO D 121 -8.84 -16.43 -10.16
C PRO D 121 -10.31 -16.35 -9.72
N ASN D 122 -11.01 -15.28 -10.08
CA ASN D 122 -12.41 -15.10 -9.66
C ASN D 122 -13.39 -16.07 -10.33
N ARG D 123 -13.00 -16.62 -11.48
CA ARG D 123 -13.79 -17.67 -12.14
C ARG D 123 -13.58 -19.07 -11.53
N CYS D 124 -12.64 -19.21 -10.60
CA CYS D 124 -12.34 -20.51 -9.99
C CYS D 124 -13.00 -20.69 -8.63
N VAL D 125 -13.15 -21.94 -8.21
CA VAL D 125 -13.67 -22.29 -6.87
C VAL D 125 -12.85 -23.43 -6.26
N GLY D 126 -13.07 -23.70 -4.98
CA GLY D 126 -12.31 -24.73 -4.26
C GLY D 126 -13.17 -25.77 -3.56
N HIS D 127 -12.50 -26.56 -2.72
CA HIS D 127 -13.12 -27.64 -1.95
C HIS D 127 -14.29 -27.12 -1.13
N GLY D 128 -15.49 -27.67 -1.37
CA GLY D 128 -16.69 -27.25 -0.67
C GLY D 128 -17.51 -26.18 -1.38
N GLU D 129 -16.87 -25.46 -2.31
CA GLU D 129 -17.54 -24.41 -3.07
C GLU D 129 -18.12 -24.99 -4.34
N ALA D 130 -19.15 -24.35 -4.87
CA ALA D 130 -19.94 -24.89 -5.97
C ALA D 130 -19.36 -24.53 -7.33
N ILE D 131 -19.22 -25.54 -8.19
CA ILE D 131 -18.97 -25.30 -9.62
C ILE D 131 -20.29 -24.94 -10.29
N ALA D 132 -20.21 -24.43 -11.52
CA ALA D 132 -21.40 -23.93 -12.20
C ALA D 132 -21.62 -24.54 -13.58
N VAL D 133 -22.90 -24.71 -13.93
CA VAL D 133 -23.33 -25.09 -15.27
C VAL D 133 -23.93 -23.84 -15.91
N ARG D 134 -23.45 -23.49 -17.11
CA ARG D 134 -24.00 -22.36 -17.85
C ARG D 134 -25.53 -22.47 -18.00
N SER D 135 -26.18 -21.32 -18.11
CA SER D 135 -27.64 -21.24 -18.25
C SER D 135 -28.13 -21.78 -19.59
N ASP D 136 -27.24 -21.74 -20.59
CA ASP D 136 -27.54 -22.16 -21.95
C ASP D 136 -26.84 -23.49 -22.30
N SER D 137 -26.81 -24.41 -21.35
CA SER D 137 -26.15 -25.70 -21.56
C SER D 137 -26.97 -26.85 -20.99
N GLU D 138 -27.31 -27.80 -21.86
CA GLU D 138 -28.06 -29.01 -21.47
C GLU D 138 -27.13 -30.20 -21.27
N TRP D 139 -25.84 -30.01 -21.54
CA TRP D 139 -24.84 -31.08 -21.42
C TRP D 139 -23.48 -30.51 -20.97
N THR D 140 -23.34 -30.33 -19.66
CA THR D 140 -22.09 -29.91 -19.06
C THR D 140 -21.46 -31.10 -18.32
N LEU D 141 -20.15 -31.29 -18.53
CA LEU D 141 -19.42 -32.38 -17.92
C LEU D 141 -18.23 -31.88 -17.12
N PRO D 142 -17.97 -32.50 -15.96
CA PRO D 142 -16.76 -32.24 -15.23
C PRO D 142 -15.63 -33.06 -15.82
N GLU D 143 -14.51 -32.42 -16.12
CA GLU D 143 -13.34 -33.12 -16.63
C GLU D 143 -12.30 -33.25 -15.52
N PRO D 144 -12.18 -34.45 -14.93
CA PRO D 144 -11.17 -34.65 -13.89
C PRO D 144 -9.77 -34.73 -14.48
N GLU D 145 -8.91 -33.79 -14.09
CA GLU D 145 -7.56 -33.69 -14.64
C GLU D 145 -6.54 -33.45 -13.54
N LEU D 146 -5.30 -33.84 -13.80
CA LEU D 146 -4.17 -33.43 -12.96
C LEU D 146 -3.70 -32.07 -13.49
N ALA D 147 -3.36 -31.18 -12.57
CA ALA D 147 -2.88 -29.84 -12.95
C ALA D 147 -1.61 -29.52 -12.20
N VAL D 148 -0.84 -28.60 -12.75
CA VAL D 148 0.44 -28.19 -12.16
C VAL D 148 0.44 -26.68 -11.91
N VAL D 149 1.18 -26.26 -10.89
CA VAL D 149 1.38 -24.86 -10.59
C VAL D 149 2.75 -24.47 -11.11
N LEU D 150 2.78 -23.54 -12.06
CA LEU D 150 4.01 -23.13 -12.75
C LEU D 150 4.54 -21.82 -12.19
N ASP D 151 5.85 -21.61 -12.31
CA ASP D 151 6.40 -20.25 -12.18
C ASP D 151 6.59 -19.71 -13.59
N SER D 152 7.02 -18.46 -13.71
CA SER D 152 7.05 -17.79 -15.03
C SER D 152 8.03 -18.43 -16.02
N ASN D 153 8.99 -19.20 -15.52
CA ASN D 153 9.90 -19.96 -16.38
C ASN D 153 9.35 -21.32 -16.79
N GLY D 154 8.19 -21.69 -16.25
CA GLY D 154 7.54 -22.95 -16.59
C GLY D 154 7.88 -24.06 -15.64
N LYS D 155 8.72 -23.78 -14.63
CA LYS D 155 9.08 -24.78 -13.64
C LYS D 155 7.87 -25.17 -12.81
N ILE D 156 7.72 -26.46 -12.56
CA ILE D 156 6.62 -26.98 -11.79
C ILE D 156 6.89 -26.73 -10.31
N LEU D 157 5.97 -26.04 -9.65
CA LEU D 157 6.10 -25.72 -8.22
C LEU D 157 5.29 -26.70 -7.36
N GLY D 158 4.34 -27.39 -7.98
CA GLY D 158 3.52 -28.37 -7.28
C GLY D 158 2.39 -28.88 -8.16
N TYR D 159 1.57 -29.75 -7.59
CA TYR D 159 0.45 -30.36 -8.31
C TYR D 159 -0.85 -30.21 -7.53
N THR D 160 -1.97 -30.20 -8.24
CA THR D 160 -3.29 -30.21 -7.60
C THR D 160 -4.33 -30.91 -8.48
N ILE D 161 -5.49 -31.21 -7.89
CA ILE D 161 -6.63 -31.75 -8.63
C ILE D 161 -7.39 -30.59 -9.26
N MET D 162 -7.65 -30.65 -10.57
CA MET D 162 -8.48 -29.64 -11.20
C MET D 162 -9.69 -30.25 -11.89
N ASP D 163 -10.78 -29.49 -11.92
CA ASP D 163 -12.02 -29.87 -12.56
C ASP D 163 -12.26 -28.88 -13.70
N ASP D 164 -11.91 -29.30 -14.91
CA ASP D 164 -12.18 -28.49 -16.09
C ASP D 164 -13.64 -28.69 -16.50
N VAL D 165 -14.53 -27.95 -15.83
CA VAL D 165 -15.96 -28.00 -16.11
C VAL D 165 -16.21 -27.42 -17.50
N SER D 166 -16.92 -28.18 -18.35
CA SER D 166 -17.06 -27.85 -19.76
C SER D 166 -18.49 -28.09 -20.25
N ALA D 167 -19.06 -27.06 -20.89
CA ALA D 167 -20.36 -27.19 -21.55
C ALA D 167 -20.17 -27.91 -22.88
N ARG D 168 -20.23 -29.23 -22.83
CA ARG D 168 -19.83 -30.08 -23.96
C ARG D 168 -20.71 -29.90 -25.22
N ASP D 169 -21.95 -29.48 -25.02
CA ASP D 169 -22.89 -29.24 -26.14
C ASP D 169 -22.51 -28.02 -26.99
N LEU D 170 -21.95 -26.99 -26.36
CA LEU D 170 -21.51 -25.79 -27.09
C LEU D 170 -20.26 -26.08 -27.91
N GLU D 171 -19.33 -26.82 -27.34
CA GLU D 171 -18.14 -27.28 -28.06
C GLU D 171 -18.52 -28.14 -29.26
N ALA D 172 -19.47 -29.06 -29.03
CA ALA D 172 -19.95 -29.98 -30.07
C ALA D 172 -20.56 -29.25 -31.28
N GLU D 173 -21.39 -28.24 -31.01
CA GLU D 173 -21.94 -27.39 -32.07
C GLU D 173 -20.88 -26.80 -32.99
N ASN D 174 -19.81 -26.26 -32.39
CA ASN D 174 -18.75 -25.60 -33.16
C ASN D 174 -17.50 -25.41 -32.31
N PRO D 175 -16.33 -25.90 -32.79
CA PRO D 175 -15.10 -25.70 -32.02
C PRO D 175 -14.80 -24.23 -31.70
N LEU D 176 -15.34 -23.31 -32.49
CA LEU D 176 -15.18 -21.88 -32.25
C LEU D 176 -15.95 -21.38 -31.01
N TYR D 177 -16.83 -22.22 -30.47
CA TYR D 177 -17.52 -21.91 -29.21
C TYR D 177 -16.75 -22.40 -27.98
N LEU D 178 -15.56 -22.98 -28.19
CA LEU D 178 -14.80 -23.59 -27.08
C LEU D 178 -14.56 -22.62 -25.91
N PRO D 179 -14.17 -21.37 -26.20
CA PRO D 179 -14.01 -20.42 -25.10
C PRO D 179 -15.29 -20.24 -24.28
N GLN D 180 -16.43 -20.12 -24.95
CA GLN D 180 -17.72 -19.99 -24.26
C GLN D 180 -18.03 -21.24 -23.43
N SER D 181 -17.64 -22.41 -23.92
CA SER D 181 -17.87 -23.68 -23.20
C SER D 181 -16.92 -23.89 -22.00
N LYS D 182 -15.83 -23.11 -21.96
CA LYS D 182 -14.78 -23.30 -20.97
C LYS D 182 -14.67 -22.15 -19.97
N ILE D 183 -14.81 -20.90 -20.45
CA ILE D 183 -14.50 -19.71 -19.63
C ILE D 183 -15.75 -19.00 -19.11
N TYR D 184 -16.08 -19.22 -17.84
CA TYR D 184 -17.24 -18.59 -17.21
C TYR D 184 -17.20 -18.71 -15.69
N ALA D 185 -18.15 -18.10 -15.00
CA ALA D 185 -18.17 -18.14 -13.53
C ALA D 185 -18.41 -19.55 -13.01
N GLY D 186 -17.51 -20.03 -12.17
CA GLY D 186 -17.63 -21.37 -11.57
C GLY D 186 -17.30 -22.49 -12.53
N CYS D 187 -16.54 -22.17 -13.58
CA CYS D 187 -16.17 -23.14 -14.61
C CYS D 187 -14.91 -23.95 -14.25
N CYS D 188 -14.32 -23.67 -13.10
CA CYS D 188 -13.04 -24.26 -12.73
C CYS D 188 -12.98 -24.47 -11.23
N ALA D 189 -12.47 -25.62 -10.82
CA ALA D 189 -12.30 -25.92 -9.40
C ALA D 189 -10.97 -26.63 -9.18
N PHE D 190 -10.32 -26.34 -8.06
CA PHE D 190 -9.10 -27.06 -7.71
C PHE D 190 -8.79 -27.07 -6.22
N GLY D 191 -7.92 -28.01 -5.83
CA GLY D 191 -7.61 -28.27 -4.43
C GLY D 191 -7.80 -29.76 -4.15
N PRO D 192 -8.05 -30.13 -2.89
CA PRO D 192 -8.16 -29.26 -1.70
C PRO D 192 -6.83 -28.65 -1.28
N VAL D 193 -5.72 -29.22 -1.75
CA VAL D 193 -4.40 -28.69 -1.46
C VAL D 193 -3.57 -28.59 -2.73
N ILE D 194 -2.44 -27.92 -2.62
CA ILE D 194 -1.38 -28.01 -3.61
C ILE D 194 -0.23 -28.73 -2.94
N VAL D 195 0.15 -29.88 -3.50
CA VAL D 195 1.31 -30.62 -2.99
C VAL D 195 2.56 -30.16 -3.75
N THR D 196 3.65 -29.98 -3.00
CA THR D 196 4.93 -29.59 -3.58
C THR D 196 5.48 -30.75 -4.41
N SER D 197 6.40 -30.43 -5.32
CA SER D 197 6.88 -31.38 -6.33
C SER D 197 7.41 -32.69 -5.73
N ASP D 198 8.13 -32.60 -4.61
CA ASP D 198 8.71 -33.77 -3.96
C ASP D 198 7.70 -34.73 -3.33
N GLU D 199 6.44 -34.31 -3.25
CA GLU D 199 5.35 -35.16 -2.77
C GLU D 199 4.90 -36.15 -3.85
N ILE D 200 5.25 -35.88 -5.09
CA ILE D 200 4.90 -36.78 -6.20
C ILE D 200 6.15 -37.22 -6.96
N LYS D 201 6.53 -38.48 -6.73
CA LYS D 201 7.72 -39.06 -7.34
C LYS D 201 7.49 -39.32 -8.82
N ASN D 202 6.35 -39.93 -9.12
CA ASN D 202 5.98 -40.26 -10.50
C ASN D 202 4.58 -39.72 -10.85
N PRO D 203 4.53 -38.54 -11.50
CA PRO D 203 3.24 -37.98 -11.93
C PRO D 203 2.49 -38.85 -12.94
N TYR D 204 3.22 -39.71 -13.64
CA TYR D 204 2.64 -40.60 -14.64
C TYR D 204 2.25 -41.97 -14.07
N SER D 205 2.06 -42.05 -12.76
CA SER D 205 1.51 -43.25 -12.12
C SER D 205 0.56 -42.89 -10.98
N LEU D 206 -0.50 -42.14 -11.30
CA LEU D 206 -1.49 -41.70 -10.31
C LEU D 206 -2.88 -42.08 -10.76
N ASP D 207 -3.68 -42.60 -9.85
CA ASP D 207 -5.08 -42.91 -10.13
C ASP D 207 -5.91 -41.64 -10.01
N ILE D 208 -6.89 -41.51 -10.90
CA ILE D 208 -7.84 -40.40 -10.89
C ILE D 208 -9.25 -40.99 -10.87
N THR D 209 -9.96 -40.84 -9.76
CA THR D 209 -11.33 -41.33 -9.65
C THR D 209 -12.34 -40.19 -9.64
N LEU D 210 -13.25 -40.20 -10.60
CA LEU D 210 -14.39 -39.29 -10.61
C LEU D 210 -15.63 -40.01 -10.08
N LYS D 211 -16.43 -39.30 -9.30
CA LYS D 211 -17.74 -39.79 -8.86
C LYS D 211 -18.73 -38.64 -8.93
N ILE D 212 -19.90 -38.88 -9.52
CA ILE D 212 -20.97 -37.89 -9.57
C ILE D 212 -22.16 -38.39 -8.74
N VAL D 213 -22.29 -37.86 -7.53
CA VAL D 213 -23.39 -38.23 -6.63
C VAL D 213 -24.65 -37.44 -6.97
N ARG D 214 -25.77 -38.13 -7.12
CA ARG D 214 -27.05 -37.49 -7.35
C ARG D 214 -28.06 -38.08 -6.35
N GLU D 215 -28.46 -37.27 -5.37
CA GLU D 215 -29.36 -37.70 -4.29
C GLU D 215 -28.83 -38.93 -3.54
N GLY D 216 -27.69 -38.75 -2.86
CA GLY D 216 -27.06 -39.82 -2.07
C GLY D 216 -26.83 -41.12 -2.83
N ARG D 217 -26.66 -41.02 -4.14
CA ARG D 217 -26.61 -42.19 -5.02
C ARG D 217 -25.60 -41.91 -6.15
N VAL D 218 -24.66 -42.83 -6.35
CA VAL D 218 -23.56 -42.63 -7.31
C VAL D 218 -24.05 -42.78 -8.77
N PHE D 219 -24.33 -41.65 -9.40
CA PHE D 219 -24.84 -41.62 -10.76
C PHE D 219 -23.78 -42.00 -11.80
N PHE D 220 -22.51 -41.71 -11.52
CA PHE D 220 -21.39 -42.11 -12.39
C PHE D 220 -20.15 -42.38 -11.56
N GLU D 221 -19.31 -43.30 -12.05
CA GLU D 221 -18.01 -43.52 -11.43
C GLU D 221 -17.05 -44.17 -12.42
N GLY D 222 -16.03 -43.43 -12.83
CA GLY D 222 -14.96 -43.96 -13.65
C GLY D 222 -13.62 -43.63 -13.01
N SER D 223 -12.56 -44.25 -13.50
CA SER D 223 -11.21 -43.92 -13.06
C SER D 223 -10.18 -44.32 -14.10
N VAL D 224 -9.04 -43.65 -14.07
CA VAL D 224 -7.97 -43.89 -15.03
C VAL D 224 -6.64 -43.49 -14.40
N ASN D 225 -5.59 -44.23 -14.71
CA ASN D 225 -4.26 -43.91 -14.22
C ASN D 225 -3.56 -43.01 -15.22
N THR D 226 -2.63 -42.19 -14.72
CA THR D 226 -1.91 -41.22 -15.54
C THR D 226 -0.83 -41.85 -16.42
N ASN D 227 -0.59 -43.16 -16.24
CA ASN D 227 0.23 -43.92 -17.20
C ASN D 227 -0.43 -44.04 -18.58
N LYS D 228 -1.73 -43.73 -18.68
CA LYS D 228 -2.44 -43.65 -19.96
C LYS D 228 -2.22 -42.30 -20.67
N MET D 229 -1.45 -41.40 -20.07
CA MET D 229 -1.19 -40.08 -20.65
C MET D 229 -0.13 -40.21 -21.74
N ARG D 230 -0.46 -39.76 -22.95
CA ARG D 230 0.47 -39.78 -24.09
C ARG D 230 1.25 -38.49 -24.20
N ARG D 231 0.55 -37.36 -24.09
CA ARG D 231 1.18 -36.05 -24.17
C ARG D 231 1.85 -35.73 -22.84
N LYS D 232 3.17 -35.56 -22.86
CA LYS D 232 3.92 -35.33 -21.63
C LYS D 232 3.77 -33.88 -21.13
N ILE D 233 3.68 -33.75 -19.79
CA ILE D 233 3.45 -32.47 -19.12
C ILE D 233 4.50 -31.41 -19.47
N GLU D 234 5.77 -31.84 -19.52
CA GLU D 234 6.88 -30.96 -19.89
C GLU D 234 6.65 -30.31 -21.26
N GLU D 235 6.08 -31.08 -22.20
CA GLU D 235 5.83 -30.61 -23.55
C GLU D 235 4.63 -29.66 -23.59
N GLN D 236 3.61 -29.97 -22.80
CA GLN D 236 2.45 -29.08 -22.67
C GLN D 236 2.91 -27.68 -22.24
N ILE D 237 3.84 -27.64 -21.28
CA ILE D 237 4.38 -26.37 -20.77
C ILE D 237 5.17 -25.63 -21.85
N GLN D 238 5.99 -26.37 -22.59
CA GLN D 238 6.81 -25.79 -23.67
C GLN D 238 5.98 -24.94 -24.62
N TYR D 239 4.83 -25.47 -25.03
CA TYR D 239 3.94 -24.77 -25.97
C TYR D 239 3.15 -23.64 -25.31
N LEU D 240 2.83 -23.79 -24.03
CA LEU D 240 2.12 -22.77 -23.27
C LEU D 240 2.94 -21.48 -23.17
N ILE D 241 4.21 -21.61 -22.82
CA ILE D 241 5.07 -20.44 -22.56
C ILE D 241 5.78 -19.89 -23.80
N ARG D 242 5.63 -20.57 -24.93
CA ARG D 242 6.25 -20.13 -26.16
C ARG D 242 5.71 -18.76 -26.54
N ASP D 243 6.60 -17.77 -26.53
CA ASP D 243 6.25 -16.39 -26.86
C ASP D 243 5.06 -15.88 -26.06
N ASN D 244 4.87 -16.46 -24.88
CA ASN D 244 3.67 -16.26 -24.09
C ASN D 244 4.02 -16.20 -22.62
N PRO D 245 4.52 -15.03 -22.17
CA PRO D 245 4.88 -14.92 -20.74
C PRO D 245 3.69 -15.20 -19.85
N ILE D 246 3.89 -16.07 -18.86
CA ILE D 246 2.88 -16.39 -17.88
C ILE D 246 3.35 -15.90 -16.50
N PRO D 247 2.41 -15.49 -15.63
CA PRO D 247 2.75 -15.05 -14.28
C PRO D 247 3.03 -16.21 -13.32
N ASP D 248 3.86 -15.96 -12.30
CA ASP D 248 4.12 -16.95 -11.26
C ASP D 248 2.81 -17.34 -10.61
N GLY D 249 2.60 -18.64 -10.40
CA GLY D 249 1.36 -19.14 -9.82
C GLY D 249 0.30 -19.52 -10.83
N THR D 250 0.64 -19.40 -12.11
CA THR D 250 -0.22 -19.90 -13.19
C THR D 250 -0.45 -21.42 -13.01
N ILE D 251 -1.62 -21.88 -13.39
CA ILE D 251 -1.94 -23.30 -13.39
C ILE D 251 -2.18 -23.80 -14.81
N LEU D 252 -1.57 -24.94 -15.14
CA LEU D 252 -1.86 -25.66 -16.38
C LEU D 252 -2.53 -26.99 -16.04
N THR D 253 -3.74 -27.20 -16.54
CA THR D 253 -4.46 -28.46 -16.36
C THR D 253 -4.11 -29.38 -17.55
N THR D 254 -3.80 -30.65 -17.26
CA THR D 254 -3.09 -31.50 -18.23
C THR D 254 -3.96 -32.27 -19.23
N GLY D 255 -5.25 -32.41 -18.93
CA GLY D 255 -6.20 -33.10 -19.80
C GLY D 255 -6.94 -34.19 -19.04
N THR D 256 -8.08 -34.62 -19.58
CA THR D 256 -8.88 -35.67 -18.94
C THR D 256 -8.98 -36.91 -19.83
N ALA D 257 -9.23 -38.06 -19.17
CA ALA D 257 -9.54 -39.31 -19.86
C ALA D 257 -10.97 -39.78 -19.55
N ILE D 258 -11.48 -39.40 -18.38
CA ILE D 258 -12.82 -39.79 -17.95
C ILE D 258 -13.86 -38.83 -18.55
N VAL D 259 -14.74 -39.38 -19.39
CA VAL D 259 -15.71 -38.62 -20.17
C VAL D 259 -17.06 -39.33 -20.16
N PRO D 260 -17.92 -39.04 -19.17
CA PRO D 260 -19.29 -39.57 -19.18
C PRO D 260 -20.04 -39.26 -20.49
N GLY D 261 -21.08 -40.03 -20.77
CA GLY D 261 -21.80 -39.90 -22.04
C GLY D 261 -22.68 -38.68 -22.14
N ARG D 262 -23.16 -38.42 -23.35
CA ARG D 262 -24.22 -37.43 -23.62
C ARG D 262 -25.29 -37.41 -22.54
N ASP D 263 -25.77 -38.60 -22.17
CA ASP D 263 -26.85 -38.74 -21.18
C ASP D 263 -26.44 -38.51 -19.72
N LYS D 264 -25.16 -38.26 -19.46
CA LYS D 264 -24.65 -38.06 -18.10
C LYS D 264 -24.31 -36.58 -17.84
N GLY D 265 -25.20 -35.68 -18.24
CA GLY D 265 -25.00 -34.25 -18.03
C GLY D 265 -25.20 -33.86 -16.57
N LEU D 266 -24.39 -32.91 -16.10
CA LEU D 266 -24.53 -32.39 -14.74
C LEU D 266 -25.82 -31.61 -14.61
N LYS D 267 -26.42 -31.63 -13.41
CA LYS D 267 -27.58 -30.81 -13.12
C LYS D 267 -27.54 -30.30 -11.68
N ASP D 268 -28.35 -29.28 -11.41
CA ASP D 268 -28.36 -28.62 -10.10
C ASP D 268 -28.39 -29.65 -8.96
N GLU D 269 -27.60 -29.39 -7.91
CA GLU D 269 -27.53 -30.23 -6.70
C GLU D 269 -26.59 -31.43 -6.79
N ASP D 270 -26.07 -31.75 -7.98
CA ASP D 270 -25.14 -32.88 -8.11
C ASP D 270 -23.84 -32.57 -7.36
N ILE D 271 -23.21 -33.61 -6.80
CA ILE D 271 -21.95 -33.48 -6.09
C ILE D 271 -20.84 -34.16 -6.88
N VAL D 272 -19.89 -33.37 -7.37
CA VAL D 272 -18.75 -33.88 -8.13
C VAL D 272 -17.58 -34.16 -7.18
N GLU D 273 -17.22 -35.44 -7.04
CA GLU D 273 -16.07 -35.85 -6.23
C GLU D 273 -14.95 -36.37 -7.11
N ILE D 274 -13.77 -35.76 -7.02
CA ILE D 274 -12.60 -36.20 -7.78
C ILE D 274 -11.47 -36.54 -6.81
N THR D 275 -10.85 -37.69 -7.01
CA THR D 275 -9.78 -38.18 -6.16
C THR D 275 -8.53 -38.44 -6.99
N ILE D 276 -7.39 -37.92 -6.53
CA ILE D 276 -6.10 -38.21 -7.15
C ILE D 276 -5.11 -38.72 -6.09
N SER D 277 -4.30 -39.70 -6.47
CA SER D 277 -3.37 -40.34 -5.53
C SER D 277 -2.36 -39.32 -5.01
N ASN D 278 -2.09 -39.38 -3.71
CA ASN D 278 -1.13 -38.51 -3.02
C ASN D 278 -1.55 -37.06 -2.83
N ILE D 279 -2.66 -36.63 -3.43
CA ILE D 279 -3.12 -35.24 -3.33
C ILE D 279 -4.30 -35.12 -2.36
N GLY D 280 -5.34 -35.91 -2.59
CA GLY D 280 -6.52 -35.90 -1.74
C GLY D 280 -7.79 -36.12 -2.55
N THR D 281 -8.89 -35.56 -2.08
CA THR D 281 -10.17 -35.64 -2.80
C THR D 281 -10.86 -34.29 -2.85
N LEU D 282 -11.09 -33.78 -4.05
CA LEU D 282 -11.78 -32.51 -4.26
C LEU D 282 -13.29 -32.75 -4.45
N ILE D 283 -14.09 -32.19 -3.55
CA ILE D 283 -15.55 -32.30 -3.60
C ILE D 283 -16.16 -30.92 -3.86
N THR D 284 -17.09 -30.86 -4.80
CA THR D 284 -17.80 -29.62 -5.12
C THR D 284 -19.26 -29.91 -5.46
N PRO D 285 -20.21 -29.12 -4.90
CA PRO D 285 -21.57 -29.19 -5.40
C PRO D 285 -21.71 -28.49 -6.76
N VAL D 286 -22.89 -28.58 -7.36
CA VAL D 286 -23.16 -27.99 -8.67
C VAL D 286 -24.27 -26.94 -8.56
N LYS D 287 -24.16 -25.90 -9.38
CA LYS D 287 -25.15 -24.82 -9.44
C LYS D 287 -25.51 -24.52 -10.89
N LYS D 288 -26.72 -24.91 -11.30
CA LYS D 288 -27.26 -24.53 -12.60
C LYS D 288 -27.61 -23.05 -12.59
N ARG D 289 -27.07 -22.29 -13.54
CA ARG D 289 -27.35 -20.86 -13.64
C ARG D 289 -28.71 -20.61 -14.27
N ARG D 290 -29.40 -19.59 -13.76
CA ARG D 290 -30.71 -19.19 -14.25
C ARG D 290 -30.55 -18.01 -15.21
N LYS D 291 -31.37 -17.97 -16.26
CA LYS D 291 -31.22 -16.98 -17.35
C LYS D 291 -31.66 -15.57 -16.96
MG MG E . 9.10 30.09 19.91
MG MG F . 11.13 10.51 33.65
MG MG G . -10.56 -10.96 -35.02
MG MG H . -9.97 -30.68 -20.92
#